data_1E8Y
#
_entry.id   1E8Y
#
_cell.length_a   139.227
_cell.length_b   66.255
_cell.length_c   102.642
_cell.angle_alpha   90.00
_cell.angle_beta   97.85
_cell.angle_gamma   90.00
#
_symmetry.space_group_name_H-M   'C 1 2 1'
#
loop_
_entity.id
_entity.type
_entity.pdbx_description
1 polymer 'PHOSPHATIDYLINOSITOL 3-KINASE CATALYTIC SUBUNIT'
2 water water
#
_entity_poly.entity_id   1
_entity_poly.type   'polypeptide(L)'
_entity_poly.pdbx_seq_one_letter_code
;MSEESQAFQRQLTALIGYDVTDVSNVHDDELEFTRRGLVTPRMAEVASRDPKLYAMHPWVTSKPLPEYLWKKIANNCIFI
VIHRSTTSQTIKVSPDDTPGAILQSFFTKMAKKKSLMDIPESQSEQDFVLRVCGRDEYLVGETPIKNFQWVRHCLKNGEE
IHVVLDTPPDPALDEVRKEEWPLVDDCTGVTGYHEQLTIHGKDHESVFTVSLWDCDRKFRVKIRGIDIPVLPRNTDLTVF
VEANIQHGQQVLCQRRTSPKPFTEEVLWNVWLEFSIKIKDLPKGALLNLQIYCGKAPALSSKASAESPSSESKGKVRLLY
YVNLLLIDHRFLLRRGEYVLHMWQISGKGEDQGSFNADKLTSATNPDKENSMSISILLDNYCHPIALPKHQPTPDPEGDR
VRAEMPNQLRKQLEAIIATDPLNPLTAEDKELLWHFRYESLKHPKAYPKLFSSVKWGQQEIVAKTYQLLARREVWDQSAL
DVGLTMQLLDCNFSDENVRAIAVQKLESLEDDDVLHYLLQLVQAVKFEPYHDSALARFLLKRGLRNKRIGHFLFWFLRSE
IAQSRHYQQRFAVILEAYLRGCGTAMLHDFTQQVQVIEMLQKVTLDIKSLSAEKYDVSSQVISQLKQKLENLQNSQLPES
FRVPYDPGLKAGALAIEKCKVMASKKKPLWLEFKCADPTALSNETIGIIFKHGDDLRQDMLILQILRIMESIWETESLDL
CLLPYGCISTGDKIGMIEIVKDATTIAKIQQSTVGNTGAFKDEVLNHWLKEKSPTEEKFQAAVERFVYSCAGYCVATFVL
GIGDRHNDNIMITETGNLFHIDFGHILGNYKSFLGINKERVPFVLTPDFLFVMGTSGKKTSPHFQKFQDICVKAYLALRH
HTNLLIILFSMMLMTGMPQLTSKEDIEYIRDALTVGKNEEDAKKYFLDQIEVCRDKGWTVQFNWFLHLVLGIKQGEKHSA
HHHHHH
;
_entity_poly.pdbx_strand_id   A
#
# COMPACT_ATOMS: atom_id res chain seq x y z
N MET A 1 33.53 -16.97 -5.71
CA MET A 1 34.08 -17.49 -4.42
C MET A 1 33.60 -18.92 -4.23
N SER A 2 33.55 -19.35 -2.97
CA SER A 2 33.13 -20.70 -2.65
C SER A 2 31.86 -21.11 -3.36
N GLU A 3 31.71 -22.40 -3.64
CA GLU A 3 30.51 -22.90 -4.28
C GLU A 3 29.34 -22.59 -3.35
N GLU A 4 29.66 -22.39 -2.07
CA GLU A 4 28.65 -22.09 -1.04
C GLU A 4 27.94 -20.79 -1.36
N SER A 5 28.73 -19.75 -1.62
CA SER A 5 28.21 -18.42 -1.95
C SER A 5 27.32 -18.45 -3.18
N GLN A 6 27.67 -19.28 -4.16
CA GLN A 6 26.87 -19.40 -5.37
C GLN A 6 25.53 -20.01 -5.02
N ALA A 7 25.56 -21.04 -4.19
CA ALA A 7 24.35 -21.72 -3.76
C ALA A 7 23.50 -20.74 -2.99
N PHE A 8 24.16 -19.85 -2.26
CA PHE A 8 23.43 -18.85 -1.46
C PHE A 8 22.74 -17.79 -2.38
N GLN A 9 23.45 -17.29 -3.37
CA GLN A 9 22.92 -16.34 -4.30
C GLN A 9 21.73 -17.00 -5.01
N ARG A 10 21.84 -18.30 -5.24
CA ARG A 10 20.78 -19.06 -5.88
C ARG A 10 19.53 -19.12 -5.01
N GLN A 11 19.70 -19.19 -3.69
CA GLN A 11 18.57 -19.23 -2.79
C GLN A 11 17.91 -17.85 -2.78
N LEU A 12 18.72 -16.81 -2.69
CA LEU A 12 18.19 -15.45 -2.70
C LEU A 12 17.41 -15.28 -4.02
N THR A 13 17.99 -15.69 -5.13
CA THR A 13 17.25 -15.54 -6.38
C THR A 13 15.81 -16.12 -6.30
N ALA A 14 15.66 -17.29 -5.72
CA ALA A 14 14.35 -17.92 -5.63
C ALA A 14 13.39 -17.26 -4.66
N LEU A 15 13.91 -16.56 -3.68
CA LEU A 15 13.08 -15.84 -2.72
C LEU A 15 12.59 -14.54 -3.35
N ILE A 16 13.51 -13.89 -4.06
CA ILE A 16 13.26 -12.62 -4.71
C ILE A 16 12.32 -12.78 -5.92
N GLY A 17 12.59 -13.78 -6.75
CA GLY A 17 11.77 -14.00 -7.94
C GLY A 17 12.48 -13.31 -9.09
N TYR A 18 13.66 -12.78 -8.85
CA TYR A 18 14.39 -12.11 -9.90
C TYR A 18 15.88 -12.31 -9.65
N ASP A 19 16.65 -12.42 -10.73
CA ASP A 19 18.09 -12.62 -10.59
C ASP A 19 18.84 -11.30 -10.64
N VAL A 20 19.10 -10.72 -9.47
CA VAL A 20 19.79 -9.44 -9.43
C VAL A 20 21.20 -9.50 -9.99
N THR A 21 21.63 -10.67 -10.42
CA THR A 21 22.96 -10.80 -11.02
C THR A 21 22.77 -10.81 -12.55
N ASP A 22 21.54 -10.53 -12.95
CA ASP A 22 21.13 -10.47 -14.37
C ASP A 22 21.51 -9.11 -14.96
N VAL A 23 22.17 -9.08 -16.11
CA VAL A 23 22.52 -7.80 -16.71
C VAL A 23 21.96 -7.72 -18.10
N SER A 24 20.85 -8.42 -18.28
CA SER A 24 20.17 -8.46 -19.56
C SER A 24 19.50 -7.16 -20.01
N ASN A 25 18.94 -6.40 -19.07
CA ASN A 25 18.23 -5.18 -19.40
C ASN A 25 18.82 -3.94 -18.69
N VAL A 26 20.12 -3.72 -18.91
CA VAL A 26 20.81 -2.56 -18.35
C VAL A 26 21.63 -1.84 -19.40
N HIS A 27 21.99 -0.60 -19.08
CA HIS A 27 22.80 0.20 -19.97
C HIS A 27 23.90 0.91 -19.15
N ASP A 28 24.05 0.54 -17.88
CA ASP A 28 25.05 1.14 -17.01
C ASP A 28 25.15 0.27 -15.80
N ASP A 29 25.91 0.68 -14.80
CA ASP A 29 26.00 -0.16 -13.61
C ASP A 29 25.26 0.43 -12.40
N GLU A 30 24.18 1.18 -12.59
CA GLU A 30 23.54 1.68 -11.38
C GLU A 30 23.12 0.56 -10.40
N LEU A 31 22.57 -0.53 -10.93
CA LEU A 31 22.09 -1.62 -10.07
C LEU A 31 23.20 -2.24 -9.23
N GLU A 32 24.34 -2.59 -9.85
CA GLU A 32 25.47 -3.16 -9.10
C GLU A 32 26.03 -2.16 -8.08
N PHE A 33 26.08 -0.91 -8.50
CA PHE A 33 26.56 0.19 -7.67
C PHE A 33 25.66 0.20 -6.42
N THR A 34 24.35 0.10 -6.64
CA THR A 34 23.41 0.14 -5.53
C THR A 34 23.57 -1.08 -4.63
N ARG A 35 23.63 -2.26 -5.22
CA ARG A 35 23.84 -3.46 -4.34
C ARG A 35 25.02 -3.24 -3.38
N ARG A 36 26.12 -2.67 -3.90
CA ARG A 36 27.30 -2.45 -3.04
C ARG A 36 27.03 -1.35 -2.02
N GLY A 37 26.30 -0.34 -2.48
CA GLY A 37 25.99 0.79 -1.62
C GLY A 37 25.15 0.44 -0.41
N LEU A 38 24.27 -0.54 -0.55
CA LEU A 38 23.35 -0.94 0.53
C LEU A 38 24.00 -1.86 1.58
N VAL A 39 25.20 -2.32 1.32
CA VAL A 39 25.92 -3.16 2.29
C VAL A 39 26.07 -2.46 3.63
N THR A 40 26.57 -1.23 3.63
CA THR A 40 26.76 -0.49 4.86
C THR A 40 25.48 -0.24 5.68
N PRO A 41 24.41 0.27 5.04
CA PRO A 41 23.14 0.56 5.74
C PRO A 41 22.65 -0.71 6.41
N ARG A 42 22.67 -1.79 5.66
CA ARG A 42 22.23 -3.06 6.21
C ARG A 42 23.10 -3.50 7.38
N MET A 43 24.41 -3.58 7.17
CA MET A 43 25.29 -4.04 8.25
C MET A 43 25.19 -3.19 9.50
N ALA A 44 25.06 -1.88 9.34
CA ALA A 44 24.93 -0.95 10.46
C ALA A 44 23.69 -1.25 11.27
N GLU A 45 22.58 -1.58 10.60
CA GLU A 45 21.33 -1.87 11.30
C GLU A 45 21.37 -3.25 11.94
N VAL A 46 21.94 -4.22 11.24
CA VAL A 46 22.08 -5.56 11.81
C VAL A 46 22.87 -5.47 13.13
N ALA A 47 24.01 -4.77 13.14
CA ALA A 47 24.82 -4.69 14.37
C ALA A 47 24.15 -3.86 15.44
N SER A 48 23.22 -3.02 15.04
CA SER A 48 22.56 -2.14 16.00
C SER A 48 21.42 -2.77 16.78
N ARG A 49 20.72 -3.69 16.15
CA ARG A 49 19.56 -4.28 16.79
C ARG A 49 19.79 -5.21 17.99
N ASP A 50 18.86 -5.13 18.94
CA ASP A 50 18.94 -5.97 20.12
C ASP A 50 18.49 -7.37 19.75
N PRO A 51 19.38 -8.36 19.87
CA PRO A 51 19.04 -9.74 19.54
C PRO A 51 17.80 -10.29 20.23
N LYS A 52 17.58 -9.91 21.46
CA LYS A 52 16.42 -10.42 22.14
C LYS A 52 15.14 -9.79 21.61
N LEU A 53 15.06 -8.46 21.62
CA LEU A 53 13.86 -7.80 21.13
C LEU A 53 13.62 -8.09 19.65
N TYR A 54 14.67 -8.30 18.89
CA TYR A 54 14.48 -8.57 17.48
C TYR A 54 13.80 -9.91 17.32
N ALA A 55 14.15 -10.82 18.23
CA ALA A 55 13.65 -12.19 18.23
C ALA A 55 12.18 -12.31 18.55
N MET A 56 11.76 -11.52 19.52
CA MET A 56 10.41 -11.58 19.99
C MET A 56 9.49 -10.55 19.38
N HIS A 57 10.04 -9.64 18.59
CA HIS A 57 9.30 -8.56 17.91
C HIS A 57 8.04 -8.09 18.63
N PRO A 58 8.15 -7.71 19.90
CA PRO A 58 6.92 -7.27 20.55
C PRO A 58 6.22 -6.23 19.68
N TRP A 59 4.90 -6.29 19.62
CA TRP A 59 4.17 -5.32 18.82
C TRP A 59 3.51 -4.36 19.81
N VAL A 60 4.03 -3.14 19.84
CA VAL A 60 3.57 -2.13 20.77
C VAL A 60 3.26 -0.79 20.11
N THR A 61 2.62 0.10 20.88
CA THR A 61 2.29 1.43 20.41
C THR A 61 2.42 2.40 21.58
N SER A 62 2.71 3.65 21.27
CA SER A 62 2.86 4.72 22.24
C SER A 62 1.61 5.55 22.35
N LYS A 63 0.71 5.36 21.39
CA LYS A 63 -0.54 6.11 21.35
C LYS A 63 -1.41 5.82 22.59
N PRO A 64 -2.22 6.80 23.02
CA PRO A 64 -3.07 6.58 24.20
C PRO A 64 -4.24 5.64 23.90
N LEU A 65 -4.71 4.92 24.92
CA LEU A 65 -5.85 4.00 24.76
C LEU A 65 -7.04 4.89 24.49
N PRO A 66 -7.72 4.64 23.38
CA PRO A 66 -8.89 5.41 23.01
C PRO A 66 -9.96 5.29 24.06
N GLU A 67 -10.81 6.32 24.12
CA GLU A 67 -11.92 6.37 25.06
C GLU A 67 -12.82 5.11 24.95
N TYR A 68 -13.18 4.76 23.73
CA TYR A 68 -14.05 3.62 23.49
C TYR A 68 -13.45 2.29 23.86
N LEU A 69 -12.25 2.28 24.40
CA LEU A 69 -11.68 1.03 24.83
C LEU A 69 -11.58 1.01 26.36
N TRP A 70 -11.53 2.19 26.98
CA TRP A 70 -11.49 2.26 28.44
C TRP A 70 -12.85 1.82 28.96
N LYS A 71 -13.89 2.01 28.16
CA LYS A 71 -15.24 1.63 28.58
C LYS A 71 -15.24 0.18 29.07
N LYS A 72 -14.46 -0.69 28.43
CA LYS A 72 -14.40 -2.10 28.82
C LYS A 72 -13.49 -2.25 30.04
N ILE A 73 -12.91 -1.15 30.48
CA ILE A 73 -12.06 -1.17 31.64
C ILE A 73 -12.42 -0.02 32.59
N ALA A 74 -13.44 -0.26 33.40
CA ALA A 74 -13.88 0.75 34.37
C ALA A 74 -13.64 0.21 35.80
N ASN A 75 -12.48 -0.42 35.99
CA ASN A 75 -12.09 -0.98 37.27
C ASN A 75 -10.57 -1.04 37.41
N ASN A 76 -9.88 -0.47 36.43
CA ASN A 76 -8.42 -0.44 36.43
C ASN A 76 -7.84 -1.86 36.50
N CYS A 77 -8.62 -2.84 36.07
CA CYS A 77 -8.15 -4.22 36.08
C CYS A 77 -8.39 -4.92 34.75
N ILE A 78 -7.44 -5.77 34.35
CA ILE A 78 -7.52 -6.53 33.11
C ILE A 78 -7.25 -8.00 33.41
N PHE A 79 -8.04 -8.89 32.81
CA PHE A 79 -7.89 -10.33 33.06
C PHE A 79 -7.08 -11.06 32.00
N ILE A 80 -5.95 -11.62 32.43
CA ILE A 80 -5.07 -12.37 31.57
C ILE A 80 -5.17 -13.84 31.95
N VAL A 81 -5.40 -14.70 30.97
CA VAL A 81 -5.50 -16.15 31.18
C VAL A 81 -4.15 -16.80 30.89
N ILE A 82 -3.42 -17.19 31.93
CA ILE A 82 -2.11 -17.81 31.74
C ILE A 82 -2.22 -19.33 31.66
N HIS A 83 -1.93 -19.91 30.50
CA HIS A 83 -1.98 -21.37 30.32
C HIS A 83 -0.61 -21.99 30.56
N ARG A 84 -0.60 -23.25 30.96
CA ARG A 84 0.65 -23.97 31.25
C ARG A 84 0.33 -25.45 31.15
N SER A 85 -0.01 -25.89 29.94
CA SER A 85 -0.40 -27.27 29.64
C SER A 85 -1.88 -27.41 29.98
N THR A 86 -2.19 -28.22 30.98
CA THR A 86 -3.57 -28.43 31.39
C THR A 86 -4.01 -27.38 32.40
N THR A 87 -3.05 -26.58 32.87
CA THR A 87 -3.32 -25.52 33.84
C THR A 87 -3.87 -24.29 33.10
N SER A 88 -4.34 -23.31 33.87
CA SER A 88 -4.89 -22.07 33.31
C SER A 88 -5.45 -21.21 34.42
N GLN A 89 -4.65 -20.24 34.89
CA GLN A 89 -5.09 -19.37 35.96
C GLN A 89 -5.76 -18.15 35.33
N THR A 90 -5.90 -17.06 36.07
CA THR A 90 -6.53 -15.87 35.55
C THR A 90 -6.13 -14.64 36.35
N ILE A 91 -4.82 -14.39 36.39
CA ILE A 91 -4.26 -13.25 37.11
C ILE A 91 -4.85 -11.90 36.70
N LYS A 92 -5.36 -11.15 37.67
CA LYS A 92 -5.93 -9.85 37.40
C LYS A 92 -4.74 -8.91 37.33
N VAL A 93 -4.79 -8.00 36.36
CA VAL A 93 -3.70 -7.07 36.15
C VAL A 93 -4.14 -5.63 35.97
N SER A 94 -3.22 -4.72 36.24
CA SER A 94 -3.45 -3.29 36.08
C SER A 94 -2.85 -2.80 34.76
N PRO A 95 -3.62 -2.06 33.97
CA PRO A 95 -3.24 -1.50 32.67
C PRO A 95 -1.87 -0.85 32.59
N ASP A 96 -1.23 -0.65 33.73
CA ASP A 96 0.08 -0.03 33.73
C ASP A 96 1.17 -1.06 33.95
N ASP A 97 0.78 -2.21 34.47
CA ASP A 97 1.74 -3.26 34.75
C ASP A 97 2.53 -3.73 33.52
N THR A 98 3.80 -4.02 33.75
CA THR A 98 4.68 -4.46 32.71
C THR A 98 4.64 -5.99 32.61
N PRO A 99 4.84 -6.54 31.42
CA PRO A 99 4.82 -8.00 31.24
C PRO A 99 5.78 -8.69 32.21
N GLY A 100 6.96 -8.11 32.36
CA GLY A 100 7.95 -8.69 33.25
C GLY A 100 7.49 -8.58 34.69
N ALA A 101 6.56 -7.66 34.93
CA ALA A 101 6.06 -7.48 36.27
C ALA A 101 4.58 -7.81 36.41
N ILE A 102 4.21 -8.97 35.90
CA ILE A 102 2.86 -9.50 36.00
C ILE A 102 3.28 -10.96 35.96
N LEU A 103 4.52 -11.12 35.53
CA LEU A 103 5.16 -12.41 35.50
C LEU A 103 5.69 -12.50 36.92
N GLN A 104 5.69 -11.34 37.60
CA GLN A 104 6.15 -11.27 38.98
C GLN A 104 4.96 -11.52 39.86
N SER A 105 3.81 -10.94 39.49
CA SER A 105 2.56 -11.11 40.21
C SER A 105 1.97 -12.49 39.91
N PHE A 106 2.78 -13.34 39.31
CA PHE A 106 2.36 -14.69 38.97
C PHE A 106 3.26 -15.68 39.70
N PHE A 107 4.46 -15.86 39.18
CA PHE A 107 5.45 -16.77 39.75
C PHE A 107 5.37 -16.83 41.29
N THR A 108 5.50 -15.67 41.93
CA THR A 108 5.43 -15.57 43.38
C THR A 108 3.97 -15.70 43.86
N LYS A 109 3.04 -15.14 43.10
CA LYS A 109 1.63 -15.22 43.45
C LYS A 109 1.10 -16.65 43.45
N MET A 110 1.92 -17.59 42.98
CA MET A 110 1.52 -19.00 42.95
C MET A 110 2.61 -19.87 43.54
N ALA A 111 3.72 -20.00 42.81
CA ALA A 111 4.86 -20.81 43.26
C ALA A 111 4.42 -22.18 43.74
N GLU A 125 13.83 -20.20 37.09
CA GLU A 125 12.38 -20.14 37.29
C GLU A 125 11.81 -18.86 36.65
N GLN A 126 12.68 -17.95 36.24
CA GLN A 126 12.25 -16.69 35.64
C GLN A 126 12.67 -16.56 34.19
N ASP A 127 13.21 -17.66 33.66
CA ASP A 127 13.65 -17.70 32.26
C ASP A 127 12.45 -17.96 31.35
N PHE A 128 11.33 -17.31 31.67
CA PHE A 128 10.11 -17.49 30.91
C PHE A 128 9.58 -16.17 30.32
N VAL A 129 8.66 -16.29 29.38
CA VAL A 129 8.04 -15.15 28.73
C VAL A 129 6.59 -15.40 28.38
N LEU A 130 5.77 -14.35 28.38
CA LEU A 130 4.37 -14.49 28.00
C LEU A 130 4.19 -14.48 26.46
N ARG A 131 3.55 -15.50 25.92
CA ARG A 131 3.30 -15.59 24.50
C ARG A 131 1.81 -15.85 24.23
N VAL A 132 1.23 -15.17 23.27
CA VAL A 132 -0.18 -15.36 22.95
C VAL A 132 -0.44 -16.80 22.49
N CYS A 133 -1.54 -17.37 23.00
CA CYS A 133 -1.87 -18.75 22.65
C CYS A 133 -2.17 -18.94 21.15
N GLY A 134 -1.44 -19.89 20.57
CA GLY A 134 -1.60 -20.18 19.16
C GLY A 134 -1.01 -19.15 18.20
N ARG A 135 -0.21 -18.22 18.69
CA ARG A 135 0.40 -17.21 17.83
C ARG A 135 1.86 -16.92 18.15
N ASP A 136 2.57 -16.46 17.15
CA ASP A 136 3.95 -16.10 17.35
C ASP A 136 3.91 -14.61 17.71
N GLU A 137 3.24 -14.28 18.81
CA GLU A 137 3.14 -12.91 19.29
C GLU A 137 3.59 -12.93 20.75
N TYR A 138 4.55 -12.06 21.12
CA TYR A 138 5.09 -12.00 22.48
C TYR A 138 4.83 -10.73 23.22
N LEU A 139 4.44 -10.84 24.49
CA LEU A 139 4.18 -9.67 25.35
C LEU A 139 5.39 -9.50 26.28
N VAL A 140 6.43 -8.83 25.78
CA VAL A 140 7.69 -8.57 26.50
C VAL A 140 8.15 -7.11 26.33
N GLY A 141 9.31 -6.80 26.90
CA GLY A 141 9.90 -5.48 26.87
C GLY A 141 9.28 -4.60 27.94
N GLU A 142 9.97 -3.52 28.32
CA GLU A 142 9.48 -2.54 29.32
C GLU A 142 8.31 -1.74 28.73
N THR A 143 7.09 -2.28 28.78
CA THR A 143 5.94 -1.59 28.18
C THR A 143 4.67 -1.90 28.94
N PRO A 144 3.79 -0.90 29.10
CA PRO A 144 2.51 -1.13 29.80
C PRO A 144 1.71 -2.16 28.98
N ILE A 145 1.06 -3.12 29.64
CA ILE A 145 0.31 -4.10 28.88
C ILE A 145 -0.80 -3.47 28.03
N LYS A 146 -1.36 -2.35 28.48
CA LYS A 146 -2.42 -1.73 27.68
C LYS A 146 -1.87 -1.15 26.35
N ASN A 147 -0.54 -1.04 26.27
CA ASN A 147 0.12 -0.51 25.07
C ASN A 147 0.46 -1.59 24.07
N PHE A 148 0.16 -2.84 24.36
CA PHE A 148 0.43 -3.90 23.41
C PHE A 148 -0.79 -3.97 22.50
N GLN A 149 -0.54 -4.03 21.19
CA GLN A 149 -1.62 -4.08 20.20
C GLN A 149 -2.56 -5.28 20.30
N TRP A 150 -2.01 -6.44 20.66
CA TRP A 150 -2.86 -7.62 20.76
C TRP A 150 -3.81 -7.42 21.93
N VAL A 151 -3.32 -6.74 22.96
CA VAL A 151 -4.16 -6.46 24.13
C VAL A 151 -5.31 -5.51 23.71
N ARG A 152 -5.03 -4.55 22.82
CA ARG A 152 -6.07 -3.62 22.40
C ARG A 152 -6.98 -4.30 21.39
N HIS A 153 -6.41 -5.23 20.63
CA HIS A 153 -7.21 -5.95 19.65
C HIS A 153 -8.28 -6.79 20.38
N CYS A 154 -7.89 -7.41 21.50
CA CYS A 154 -8.80 -8.22 22.30
C CYS A 154 -9.82 -7.35 23.05
N LEU A 155 -9.40 -6.20 23.57
CA LEU A 155 -10.33 -5.34 24.25
C LEU A 155 -11.36 -4.85 23.23
N LYS A 156 -10.87 -4.39 22.09
CA LYS A 156 -11.75 -3.86 21.04
C LYS A 156 -12.74 -4.89 20.53
N ASN A 157 -12.45 -6.17 20.75
CA ASN A 157 -13.33 -7.23 20.28
C ASN A 157 -13.89 -8.10 21.41
N GLY A 158 -13.99 -7.53 22.61
CA GLY A 158 -14.51 -8.27 23.74
C GLY A 158 -13.96 -9.68 23.87
N GLU A 159 -12.74 -9.92 23.42
CA GLU A 159 -12.16 -11.27 23.54
C GLU A 159 -11.29 -11.35 24.79
N GLU A 160 -11.06 -12.57 25.28
CA GLU A 160 -10.24 -12.75 26.46
C GLU A 160 -8.78 -12.86 26.06
N ILE A 161 -7.90 -12.43 26.95
CA ILE A 161 -6.48 -12.46 26.70
C ILE A 161 -5.82 -13.77 27.15
N HIS A 162 -5.59 -14.69 26.21
CA HIS A 162 -4.97 -15.96 26.56
C HIS A 162 -3.50 -15.99 26.19
N VAL A 163 -2.70 -16.30 27.20
CA VAL A 163 -1.28 -16.35 27.03
C VAL A 163 -0.67 -17.64 27.54
N VAL A 164 0.52 -17.96 27.06
CA VAL A 164 1.16 -19.16 27.51
C VAL A 164 2.54 -18.83 28.06
N LEU A 165 2.91 -19.46 29.16
CA LEU A 165 4.23 -19.20 29.72
C LEU A 165 5.24 -20.10 29.01
N ASP A 166 6.23 -19.51 28.31
CA ASP A 166 7.28 -20.30 27.66
C ASP A 166 8.68 -19.72 27.62
N THR A 167 9.54 -20.42 26.91
CA THR A 167 10.93 -20.01 26.79
C THR A 167 11.11 -19.07 25.61
N PRO A 168 11.92 -18.02 25.82
CA PRO A 168 12.20 -17.02 24.77
C PRO A 168 12.86 -17.63 23.55
N PRO A 169 12.54 -17.10 22.35
CA PRO A 169 13.19 -17.68 21.19
C PRO A 169 14.68 -17.37 21.26
N ASP A 170 15.46 -18.30 20.75
CA ASP A 170 16.88 -18.19 20.77
C ASP A 170 17.39 -17.26 19.65
N PRO A 171 17.86 -16.06 20.03
CA PRO A 171 18.38 -15.08 19.07
C PRO A 171 19.49 -15.65 18.23
N ALA A 172 20.05 -16.75 18.70
CA ALA A 172 21.10 -17.36 17.93
C ALA A 172 20.54 -17.69 16.57
N LEU A 173 19.27 -18.08 16.53
CA LEU A 173 18.57 -18.44 15.27
C LEU A 173 18.49 -17.28 14.24
N ASP A 174 18.76 -16.04 14.67
CA ASP A 174 18.72 -14.89 13.78
C ASP A 174 20.07 -14.51 13.23
N GLU A 175 21.05 -15.39 13.43
CA GLU A 175 22.41 -15.18 12.97
C GLU A 175 22.43 -14.80 11.49
N VAL A 176 23.25 -13.80 11.18
CA VAL A 176 23.40 -13.33 9.82
C VAL A 176 24.69 -13.90 9.19
N ARG A 177 24.56 -14.42 7.97
CA ARG A 177 25.69 -14.98 7.27
C ARG A 177 26.73 -13.90 7.06
N LYS A 178 28.00 -14.18 7.36
CA LYS A 178 29.08 -13.19 7.18
C LYS A 178 29.18 -12.76 5.72
N GLU A 179 29.49 -11.49 5.47
CA GLU A 179 29.59 -10.99 4.10
C GLU A 179 31.02 -10.75 3.61
N GLU A 180 31.18 -10.78 2.28
CA GLU A 180 32.49 -10.56 1.69
C GLU A 180 32.42 -10.55 0.17
N CYS A 215 30.72 23.44 -18.14
CA CYS A 215 30.43 23.67 -19.55
C CYS A 215 29.18 24.55 -19.75
N ASP A 216 29.33 25.65 -20.49
CA ASP A 216 28.22 26.55 -20.71
C ASP A 216 27.57 26.42 -22.06
N ARG A 217 27.76 25.29 -22.68
CA ARG A 217 27.15 25.14 -23.98
C ARG A 217 25.70 24.69 -23.81
N LYS A 218 24.91 24.85 -24.85
CA LYS A 218 23.53 24.46 -24.84
C LYS A 218 23.51 22.93 -25.00
N PHE A 219 22.58 22.30 -24.30
CA PHE A 219 22.44 20.86 -24.33
C PHE A 219 21.78 20.46 -25.60
N ARG A 220 22.25 19.37 -26.20
CA ARG A 220 21.61 18.86 -27.41
C ARG A 220 21.64 17.34 -27.43
N VAL A 221 20.82 16.78 -28.28
CA VAL A 221 20.73 15.36 -28.42
C VAL A 221 20.34 15.07 -29.87
N LYS A 222 21.02 14.09 -30.45
CA LYS A 222 20.67 13.76 -31.80
C LYS A 222 19.80 12.52 -31.76
N ILE A 223 18.71 12.60 -32.47
CA ILE A 223 17.75 11.53 -32.62
C ILE A 223 18.12 10.89 -33.96
N ARG A 224 18.75 9.72 -33.95
CA ARG A 224 19.08 9.08 -35.22
C ARG A 224 17.79 8.53 -35.87
N GLY A 225 17.01 7.75 -35.15
CA GLY A 225 15.80 7.20 -35.74
C GLY A 225 15.08 6.26 -34.80
N ILE A 226 14.01 5.64 -35.27
CA ILE A 226 13.25 4.72 -34.46
C ILE A 226 13.11 3.42 -35.25
N ASP A 227 12.95 2.30 -34.56
CA ASP A 227 12.83 1.02 -35.25
C ASP A 227 11.89 0.06 -34.54
N ILE A 228 11.04 -0.60 -35.31
CA ILE A 228 10.08 -1.57 -34.80
C ILE A 228 10.11 -2.74 -35.84
N PRO A 229 10.10 -4.00 -35.37
CA PRO A 229 10.14 -5.10 -36.33
C PRO A 229 8.93 -5.22 -37.24
N VAL A 230 7.74 -5.19 -36.65
CA VAL A 230 6.54 -5.34 -37.45
C VAL A 230 5.52 -4.25 -37.07
N LEU A 231 5.01 -3.56 -38.08
CA LEU A 231 4.04 -2.50 -37.84
C LEU A 231 2.82 -2.39 -38.81
N PRO A 232 2.75 -3.26 -39.85
CA PRO A 232 1.58 -3.14 -40.74
C PRO A 232 0.25 -3.05 -39.99
N ARG A 233 -0.29 -1.83 -39.92
CA ARG A 233 -1.54 -1.57 -39.22
C ARG A 233 -2.69 -1.19 -40.17
N ASN A 234 -3.77 -0.63 -39.61
CA ASN A 234 -4.92 -0.22 -40.43
C ASN A 234 -4.59 0.99 -41.33
N THR A 235 -4.98 2.18 -40.88
CA THR A 235 -4.74 3.40 -41.65
C THR A 235 -3.35 3.98 -41.36
N ASP A 236 -2.54 4.15 -42.41
CA ASP A 236 -1.21 4.72 -42.27
C ASP A 236 -1.25 6.12 -41.66
N LEU A 237 -0.65 6.27 -40.47
CA LEU A 237 -0.61 7.58 -39.84
C LEU A 237 0.83 8.11 -39.88
N THR A 238 1.02 9.33 -39.38
CA THR A 238 2.30 10.01 -39.36
C THR A 238 2.92 9.86 -37.98
N VAL A 239 4.21 10.14 -37.86
CA VAL A 239 4.86 9.99 -36.57
C VAL A 239 6.02 10.97 -36.36
N PHE A 240 6.17 11.45 -35.14
CA PHE A 240 7.29 12.34 -34.82
C PHE A 240 7.80 12.01 -33.39
N VAL A 241 8.98 12.54 -33.06
CA VAL A 241 9.58 12.33 -31.77
C VAL A 241 9.63 13.61 -30.92
N GLU A 242 9.19 13.47 -29.70
CA GLU A 242 9.17 14.53 -28.72
C GLU A 242 10.20 14.26 -27.64
N ALA A 243 11.16 15.17 -27.50
CA ALA A 243 12.18 15.05 -26.45
C ALA A 243 11.90 16.15 -25.41
N ASN A 244 11.79 15.79 -24.15
CA ASN A 244 11.51 16.73 -23.08
C ASN A 244 12.55 16.49 -22.04
N ILE A 245 12.94 17.56 -21.36
CA ILE A 245 13.89 17.46 -20.25
C ILE A 245 12.93 17.63 -19.06
N GLN A 246 12.85 16.64 -18.15
CA GLN A 246 11.94 16.79 -17.02
C GLN A 246 12.62 16.66 -15.67
N HIS A 247 11.94 17.18 -14.66
CA HIS A 247 12.41 17.16 -13.29
C HIS A 247 11.11 17.24 -12.50
N GLY A 248 10.91 16.29 -11.63
CA GLY A 248 9.69 16.28 -10.85
C GLY A 248 8.47 16.46 -11.71
N GLN A 249 8.40 15.75 -12.83
CA GLN A 249 7.23 15.90 -13.67
C GLN A 249 6.99 17.38 -13.99
N GLN A 250 7.96 17.97 -14.64
CA GLN A 250 7.89 19.37 -15.02
C GLN A 250 8.82 19.48 -16.22
N VAL A 251 8.25 19.91 -17.34
CA VAL A 251 9.02 20.08 -18.56
C VAL A 251 9.80 21.37 -18.53
N LEU A 252 11.11 21.26 -18.35
CA LEU A 252 11.97 22.44 -18.35
C LEU A 252 12.24 22.87 -19.79
N CYS A 253 12.27 21.90 -20.70
CA CYS A 253 12.54 22.17 -22.11
C CYS A 253 11.98 21.11 -23.07
N GLN A 254 11.37 21.55 -24.16
CA GLN A 254 10.81 20.62 -25.08
C GLN A 254 11.29 20.89 -26.51
N ARG A 255 11.61 19.81 -27.23
CA ARG A 255 11.99 19.91 -28.65
C ARG A 255 11.25 18.80 -29.43
N ARG A 256 10.91 19.05 -30.69
CA ARG A 256 10.25 18.04 -31.52
C ARG A 256 10.94 17.95 -32.91
N THR A 257 10.78 16.78 -33.55
CA THR A 257 11.29 16.53 -34.92
C THR A 257 10.07 16.72 -35.83
N SER A 258 10.31 16.82 -37.12
CA SER A 258 9.22 16.95 -38.10
C SER A 258 8.46 15.62 -38.20
N PRO A 259 7.21 15.66 -38.65
CA PRO A 259 6.37 14.47 -38.80
C PRO A 259 6.89 13.61 -39.95
N LYS A 260 6.74 12.29 -39.84
CA LYS A 260 7.20 11.42 -40.91
C LYS A 260 6.32 10.22 -41.11
N PRO A 261 6.42 9.61 -42.31
CA PRO A 261 5.56 8.43 -42.52
C PRO A 261 6.00 7.32 -41.56
N PHE A 262 5.02 6.75 -40.85
CA PHE A 262 5.29 5.69 -39.89
C PHE A 262 5.51 4.34 -40.55
N THR A 263 6.79 4.02 -40.75
CA THR A 263 7.25 2.75 -41.33
C THR A 263 8.11 2.02 -40.28
N GLU A 264 8.42 0.75 -40.56
CA GLU A 264 9.20 -0.08 -39.66
C GLU A 264 10.51 0.57 -39.27
N GLU A 265 10.98 1.50 -40.07
CA GLU A 265 12.17 2.20 -39.69
C GLU A 265 12.04 3.67 -40.13
N VAL A 266 12.08 4.59 -39.16
CA VAL A 266 11.98 6.02 -39.49
C VAL A 266 13.23 6.72 -38.99
N LEU A 267 13.90 7.43 -39.89
CA LEU A 267 15.14 8.14 -39.58
C LEU A 267 15.03 9.66 -39.67
N TRP A 268 15.95 10.32 -38.98
CA TRP A 268 16.00 11.78 -38.88
C TRP A 268 17.42 12.26 -38.89
N ASN A 269 18.27 11.60 -38.11
CA ASN A 269 19.67 11.98 -38.02
C ASN A 269 19.75 13.50 -37.78
N VAL A 270 18.88 14.03 -36.94
CA VAL A 270 18.80 15.45 -36.67
C VAL A 270 19.12 15.85 -35.24
N TRP A 271 19.88 16.91 -35.07
CA TRP A 271 20.20 17.38 -33.71
C TRP A 271 19.03 18.18 -33.19
N LEU A 272 18.69 17.99 -31.91
CA LEU A 272 17.61 18.73 -31.25
C LEU A 272 18.36 19.54 -30.18
N GLU A 273 18.38 20.85 -30.33
CA GLU A 273 19.08 21.72 -29.39
C GLU A 273 18.16 22.45 -28.46
N PHE A 274 18.47 22.34 -27.17
CA PHE A 274 17.66 22.98 -26.14
C PHE A 274 18.28 24.32 -25.75
N SER A 275 17.44 25.20 -25.22
CA SER A 275 17.90 26.50 -24.78
C SER A 275 18.68 26.38 -23.45
N ILE A 276 18.35 25.38 -22.63
CA ILE A 276 19.04 25.21 -21.35
C ILE A 276 20.51 24.82 -21.51
N LYS A 277 21.38 25.32 -20.63
CA LYS A 277 22.80 25.00 -20.66
C LYS A 277 23.11 23.69 -19.92
N ILE A 278 24.21 23.03 -20.30
CA ILE A 278 24.60 21.78 -19.68
C ILE A 278 24.80 21.99 -18.18
N LYS A 279 25.46 23.10 -17.84
CA LYS A 279 25.79 23.44 -16.46
C LYS A 279 24.49 23.55 -15.65
N ASP A 280 23.40 23.85 -16.33
CA ASP A 280 22.11 24.02 -15.68
C ASP A 280 21.24 22.75 -15.43
N LEU A 281 21.65 21.62 -16.00
CA LEU A 281 20.96 20.37 -15.81
C LEU A 281 21.01 19.97 -14.33
N PRO A 282 19.84 19.89 -13.67
CA PRO A 282 19.78 19.51 -12.24
C PRO A 282 19.96 17.99 -12.09
N LYS A 283 20.60 17.58 -11.00
CA LYS A 283 20.78 16.16 -10.80
C LYS A 283 19.37 15.58 -10.70
N GLY A 284 19.16 14.43 -11.30
CA GLY A 284 17.86 13.80 -11.22
C GLY A 284 16.98 14.09 -12.42
N ALA A 285 17.50 14.95 -13.30
CA ALA A 285 16.72 15.29 -14.47
C ALA A 285 16.73 14.12 -15.46
N LEU A 286 15.60 13.94 -16.13
CA LEU A 286 15.41 12.90 -17.10
C LEU A 286 15.24 13.42 -18.50
N LEU A 287 15.80 12.72 -19.46
CA LEU A 287 15.53 13.08 -20.83
C LEU A 287 14.37 12.13 -21.22
N ASN A 288 13.16 12.65 -21.38
CA ASN A 288 11.99 11.83 -21.73
C ASN A 288 11.78 11.82 -23.24
N LEU A 289 11.67 10.65 -23.87
CA LEU A 289 11.50 10.62 -25.33
C LEU A 289 10.21 9.92 -25.68
N GLN A 290 9.43 10.58 -26.52
CA GLN A 290 8.10 10.08 -26.82
C GLN A 290 7.75 10.05 -28.27
N ILE A 291 7.02 9.01 -28.68
CA ILE A 291 6.66 8.91 -30.08
C ILE A 291 5.16 9.14 -30.28
N TYR A 292 4.84 10.10 -31.15
CA TYR A 292 3.46 10.45 -31.44
C TYR A 292 3.04 9.96 -32.82
N CYS A 293 1.81 9.48 -32.90
CA CYS A 293 1.27 8.97 -34.16
C CYS A 293 -0.04 9.65 -34.53
N LEU A 318 0.19 9.81 -28.56
CA LEU A 318 1.34 9.18 -27.89
C LEU A 318 1.26 7.66 -27.95
N LEU A 319 2.27 7.05 -28.56
CA LEU A 319 2.34 5.61 -28.70
C LEU A 319 3.46 4.97 -27.88
N TYR A 320 4.60 5.65 -27.73
CA TYR A 320 5.68 5.05 -26.96
C TYR A 320 6.47 6.13 -26.22
N TYR A 321 7.04 5.71 -25.10
CA TYR A 321 7.91 6.58 -24.31
C TYR A 321 9.04 5.76 -23.75
N VAL A 322 10.05 6.50 -23.34
CA VAL A 322 11.17 5.91 -22.65
C VAL A 322 11.91 7.08 -22.05
N ASN A 323 12.57 6.84 -20.92
CA ASN A 323 13.32 7.89 -20.24
C ASN A 323 14.74 7.50 -20.04
N LEU A 324 15.60 8.49 -19.90
CA LEU A 324 17.03 8.25 -19.68
C LEU A 324 17.53 9.32 -18.73
N LEU A 325 18.09 8.91 -17.60
CA LEU A 325 18.63 9.86 -16.63
C LEU A 325 19.78 10.60 -17.28
N LEU A 326 19.72 11.94 -17.31
CA LEU A 326 20.78 12.71 -17.93
C LEU A 326 22.07 12.74 -17.11
N ILE A 327 21.92 12.76 -15.79
CA ILE A 327 23.08 12.75 -14.92
C ILE A 327 22.97 11.43 -14.14
N ASP A 328 24.04 10.64 -14.15
CA ASP A 328 24.06 9.31 -13.54
C ASP A 328 24.23 9.27 -12.03
N HIS A 329 24.27 8.04 -11.50
CA HIS A 329 24.38 7.81 -10.06
C HIS A 329 25.70 8.25 -9.45
N ARG A 330 26.69 8.56 -10.30
CA ARG A 330 28.02 9.06 -9.86
C ARG A 330 28.18 10.55 -10.14
N PHE A 331 27.10 11.24 -10.50
CA PHE A 331 27.14 12.67 -10.84
C PHE A 331 27.80 12.98 -12.16
N LEU A 332 27.73 12.03 -13.09
CA LEU A 332 28.33 12.23 -14.40
C LEU A 332 27.28 12.43 -15.49
N LEU A 333 27.57 13.32 -16.42
CA LEU A 333 26.67 13.60 -17.51
C LEU A 333 26.65 12.43 -18.48
N ARG A 334 25.46 11.96 -18.79
CA ARG A 334 25.37 10.83 -19.69
C ARG A 334 26.04 11.18 -21.02
N ARG A 335 26.66 10.18 -21.65
CA ARG A 335 27.36 10.39 -22.91
C ARG A 335 27.46 9.10 -23.76
N GLY A 336 27.49 9.28 -25.07
CA GLY A 336 27.62 8.17 -25.94
C GLY A 336 26.39 7.89 -26.76
N GLU A 337 26.39 6.73 -27.39
CA GLU A 337 25.28 6.30 -28.23
C GLU A 337 24.37 5.49 -27.32
N TYR A 338 23.06 5.57 -27.57
CA TYR A 338 22.09 4.80 -26.81
C TYR A 338 21.02 4.29 -27.78
N VAL A 339 20.58 3.06 -27.55
CA VAL A 339 19.52 2.41 -28.34
C VAL A 339 18.53 1.99 -27.25
N LEU A 340 17.46 2.75 -27.06
CA LEU A 340 16.52 2.44 -26.01
C LEU A 340 15.24 1.80 -26.50
N HIS A 341 14.91 0.68 -25.89
CA HIS A 341 13.71 -0.07 -26.22
C HIS A 341 12.63 0.54 -25.34
N MET A 342 11.57 0.98 -26.00
CA MET A 342 10.52 1.74 -25.36
C MET A 342 9.31 1.02 -24.81
N TRP A 343 8.51 1.72 -24.02
CA TRP A 343 7.29 1.13 -23.49
C TRP A 343 6.11 1.58 -24.34
N GLN A 344 5.25 0.65 -24.70
CA GLN A 344 4.08 0.96 -25.50
C GLN A 344 2.85 1.27 -24.62
N ILE A 345 2.21 2.39 -24.92
CA ILE A 345 1.01 2.84 -24.22
C ILE A 345 -0.15 1.91 -24.54
N SER A 346 -0.93 1.56 -23.53
CA SER A 346 -2.07 0.67 -23.75
C SER A 346 -3.37 1.46 -24.04
N GLY A 347 -3.90 1.29 -25.25
CA GLY A 347 -5.13 1.97 -25.64
C GLY A 347 -6.25 1.80 -24.63
N PHE A 355 1.86 11.42 -15.55
CA PHE A 355 0.73 10.58 -15.16
C PHE A 355 1.17 9.48 -14.20
N ASN A 356 0.83 8.23 -14.52
CA ASN A 356 1.19 7.14 -13.62
C ASN A 356 2.70 6.96 -13.41
N ALA A 357 3.07 6.35 -12.28
CA ALA A 357 4.47 6.13 -11.93
C ALA A 357 5.28 5.38 -12.99
N ASP A 358 4.65 4.50 -13.76
CA ASP A 358 5.37 3.74 -14.79
C ASP A 358 5.94 4.61 -15.89
N LYS A 359 5.33 5.76 -16.14
CA LYS A 359 5.82 6.68 -17.13
C LYS A 359 7.12 7.38 -16.72
N LEU A 360 7.47 7.34 -15.43
CA LEU A 360 8.68 7.99 -14.89
C LEU A 360 9.88 7.05 -14.75
N THR A 361 9.75 5.80 -15.16
CA THR A 361 10.86 4.86 -14.99
C THR A 361 12.05 5.03 -15.91
N SER A 362 13.23 4.82 -15.36
CA SER A 362 14.47 4.90 -16.09
C SER A 362 14.83 3.50 -16.64
N ALA A 363 14.02 2.50 -16.35
CA ALA A 363 14.35 1.16 -16.87
C ALA A 363 13.85 1.09 -18.31
N THR A 364 14.45 0.21 -19.10
CA THR A 364 14.01 0.06 -20.48
C THR A 364 13.24 -1.25 -20.63
N ASN A 365 12.53 -1.37 -21.75
CA ASN A 365 11.72 -2.56 -21.99
C ASN A 365 12.61 -3.77 -22.15
N PRO A 366 12.42 -4.78 -21.31
CA PRO A 366 13.23 -6.00 -21.40
C PRO A 366 13.03 -6.79 -22.73
N ASP A 367 11.87 -6.64 -23.38
CA ASP A 367 11.63 -7.35 -24.65
C ASP A 367 12.38 -6.63 -25.77
N LYS A 368 13.58 -7.09 -26.06
CA LYS A 368 14.37 -6.46 -27.10
C LYS A 368 14.02 -6.94 -28.51
N GLU A 369 13.28 -8.03 -28.62
CA GLU A 369 12.96 -8.58 -29.93
C GLU A 369 11.76 -7.93 -30.62
N ASN A 370 10.67 -7.74 -29.89
CA ASN A 370 9.48 -7.20 -30.49
C ASN A 370 9.07 -5.82 -29.98
N SER A 371 10.02 -5.02 -29.52
CA SER A 371 9.65 -3.70 -29.04
C SER A 371 10.16 -2.55 -29.91
N MET A 372 9.55 -1.39 -29.71
CA MET A 372 9.99 -0.21 -30.44
C MET A 372 11.34 0.20 -29.86
N SER A 373 12.23 0.70 -30.70
CA SER A 373 13.49 1.21 -30.17
C SER A 373 13.78 2.61 -30.77
N ILE A 374 14.51 3.44 -30.00
CA ILE A 374 14.92 4.76 -30.45
C ILE A 374 16.40 4.91 -30.15
N SER A 375 17.15 5.30 -31.18
CA SER A 375 18.59 5.47 -31.11
C SER A 375 18.91 6.92 -31.03
N ILE A 376 19.81 7.29 -30.14
CA ILE A 376 20.18 8.68 -30.03
C ILE A 376 21.70 8.81 -29.71
N LEU A 377 22.22 10.01 -29.94
CA LEU A 377 23.62 10.30 -29.61
C LEU A 377 23.66 11.52 -28.71
N LEU A 378 24.46 11.40 -27.66
CA LEU A 378 24.71 12.44 -26.65
C LEU A 378 26.23 12.65 -26.62
N ASP A 379 26.65 13.92 -26.67
CA ASP A 379 28.08 14.30 -26.61
C ASP A 379 28.20 15.69 -26.03
N ASN A 380 28.62 15.78 -24.78
CA ASN A 380 28.77 17.06 -24.09
C ASN A 380 29.80 16.85 -22.97
N HIS A 383 30.45 14.82 -14.15
CA HIS A 383 30.87 15.94 -14.98
C HIS A 383 30.43 17.27 -14.35
N PRO A 384 29.11 17.58 -14.32
CA PRO A 384 28.75 18.85 -13.72
C PRO A 384 28.77 18.73 -12.21
N ILE A 385 28.28 19.77 -11.55
CA ILE A 385 28.22 19.82 -10.09
C ILE A 385 29.61 19.62 -9.51
N ALA A 386 30.58 20.31 -10.11
CA ALA A 386 31.97 20.22 -9.67
C ALA A 386 32.08 20.69 -8.23
N ARG A 402 17.16 41.24 6.37
CA ARG A 402 15.76 41.30 6.83
C ARG A 402 14.74 41.19 5.69
N ALA A 403 13.95 42.25 5.54
CA ALA A 403 12.90 42.38 4.55
C ALA A 403 11.62 41.65 5.02
N GLU A 404 10.86 42.27 5.91
CA GLU A 404 9.63 41.63 6.37
C GLU A 404 8.48 41.81 5.37
N MET A 405 7.72 40.75 5.14
CA MET A 405 6.59 40.80 4.21
C MET A 405 5.56 41.85 4.54
N PRO A 406 5.11 42.62 3.54
CA PRO A 406 4.09 43.66 3.78
C PRO A 406 2.76 42.94 4.12
N ASN A 407 1.90 43.59 4.87
CA ASN A 407 0.64 42.99 5.27
C ASN A 407 -0.15 42.25 4.20
N GLN A 408 -0.45 42.89 3.07
CA GLN A 408 -1.24 42.22 2.05
C GLN A 408 -0.55 41.10 1.28
N LEU A 409 0.73 41.26 0.99
CA LEU A 409 1.39 40.16 0.31
C LEU A 409 1.45 38.98 1.29
N ARG A 410 1.56 39.27 2.58
CA ARG A 410 1.57 38.17 3.49
C ARG A 410 0.21 37.46 3.46
N LYS A 411 -0.85 38.21 3.21
CA LYS A 411 -2.15 37.57 3.15
C LYS A 411 -2.28 36.68 1.93
N GLN A 412 -1.69 37.07 0.81
CA GLN A 412 -1.78 36.24 -0.37
C GLN A 412 -0.95 34.96 -0.12
N LEU A 413 0.19 35.12 0.52
CA LEU A 413 1.03 33.98 0.82
C LEU A 413 0.26 32.98 1.67
N GLU A 414 -0.31 33.44 2.78
CA GLU A 414 -1.06 32.55 3.66
C GLU A 414 -2.25 31.88 2.99
N ALA A 415 -2.88 32.55 2.03
CA ALA A 415 -4.01 31.95 1.34
C ALA A 415 -3.47 30.80 0.50
N ILE A 416 -2.35 31.05 -0.20
CA ILE A 416 -1.66 30.06 -1.06
C ILE A 416 -1.23 28.83 -0.29
N ILE A 417 -0.80 29.04 0.94
CA ILE A 417 -0.35 27.98 1.76
C ILE A 417 -1.51 27.11 2.23
N ALA A 418 -2.64 27.72 2.54
CA ALA A 418 -3.75 26.92 2.98
C ALA A 418 -4.38 26.08 1.89
N THR A 419 -4.22 26.42 0.62
CA THR A 419 -4.86 25.59 -0.39
C THR A 419 -4.45 24.12 -0.29
N ASP A 420 -5.28 23.27 -0.86
CA ASP A 420 -5.02 21.85 -0.82
C ASP A 420 -3.90 21.52 -1.82
N PRO A 421 -3.20 20.38 -1.61
CA PRO A 421 -2.11 19.90 -2.45
C PRO A 421 -2.42 19.92 -3.93
N LEU A 422 -3.70 19.84 -4.28
CA LEU A 422 -4.04 19.83 -5.70
C LEU A 422 -4.27 21.18 -6.29
N ASN A 423 -4.28 22.22 -5.46
CA ASN A 423 -4.50 23.55 -6.00
C ASN A 423 -3.35 23.92 -6.95
N PRO A 424 -3.67 24.46 -8.13
CA PRO A 424 -2.64 24.84 -9.11
C PRO A 424 -1.87 26.10 -8.70
N LEU A 425 -0.55 26.06 -8.90
CA LEU A 425 0.29 27.23 -8.60
C LEU A 425 0.51 28.14 -9.82
N THR A 426 0.02 29.36 -9.72
CA THR A 426 0.19 30.35 -10.79
C THR A 426 1.63 30.87 -10.78
N ALA A 427 2.04 31.51 -11.88
CA ALA A 427 3.40 32.07 -11.94
C ALA A 427 3.60 33.09 -10.81
N GLU A 428 2.58 33.91 -10.55
CA GLU A 428 2.61 34.91 -9.48
C GLU A 428 2.77 34.23 -8.12
N ASP A 429 2.12 33.08 -7.96
CA ASP A 429 2.23 32.38 -6.68
C ASP A 429 3.67 31.96 -6.48
N LYS A 430 4.26 31.38 -7.50
CA LYS A 430 5.59 30.88 -7.40
C LYS A 430 6.58 31.99 -7.10
N GLU A 431 6.45 33.12 -7.80
CA GLU A 431 7.32 34.24 -7.58
C GLU A 431 7.25 34.71 -6.13
N LEU A 432 6.05 34.73 -5.57
CA LEU A 432 5.89 35.14 -4.18
C LEU A 432 6.57 34.17 -3.23
N LEU A 433 6.34 32.87 -3.47
CA LEU A 433 6.89 31.85 -2.60
C LEU A 433 8.42 31.92 -2.65
N TRP A 434 8.97 32.16 -3.83
CA TRP A 434 10.41 32.24 -4.01
C TRP A 434 10.97 33.58 -3.47
N HIS A 435 10.42 34.70 -3.90
CA HIS A 435 10.88 35.99 -3.37
C HIS A 435 10.84 36.03 -1.86
N PHE A 436 9.74 35.57 -1.26
CA PHE A 436 9.68 35.55 0.22
C PHE A 436 10.04 34.18 0.85
N ARG A 437 11.04 33.58 0.22
CA ARG A 437 11.71 32.32 0.56
C ARG A 437 11.87 32.17 2.09
N TYR A 438 12.48 33.15 2.72
CA TYR A 438 12.68 33.01 4.11
C TYR A 438 11.41 33.07 4.93
N GLU A 439 10.34 33.66 4.41
CA GLU A 439 9.10 33.65 5.19
C GLU A 439 8.42 32.31 4.96
N SER A 440 8.46 31.83 3.72
CA SER A 440 7.85 30.54 3.37
C SER A 440 8.41 29.45 4.29
N LEU A 441 9.72 29.48 4.51
CA LEU A 441 10.39 28.50 5.33
C LEU A 441 9.89 28.42 6.77
N LYS A 442 9.04 29.35 7.19
CA LYS A 442 8.49 29.31 8.57
C LYS A 442 7.10 28.60 8.59
N HIS A 443 6.67 28.10 7.44
CA HIS A 443 5.41 27.42 7.35
C HIS A 443 5.65 26.08 6.68
N PRO A 444 5.85 25.03 7.48
CA PRO A 444 6.10 23.63 7.07
C PRO A 444 5.14 23.19 5.96
N LYS A 445 3.91 23.65 6.06
CA LYS A 445 2.93 23.33 5.10
C LYS A 445 3.18 23.96 3.75
N ALA A 446 4.04 24.97 3.73
CA ALA A 446 4.41 25.67 2.49
C ALA A 446 5.48 24.96 1.70
N TYR A 447 6.21 24.08 2.34
CA TYR A 447 7.31 23.39 1.72
C TYR A 447 7.08 22.77 0.37
N PRO A 448 5.95 22.09 0.14
CA PRO A 448 5.75 21.50 -1.19
C PRO A 448 5.48 22.61 -2.23
N LYS A 449 4.62 23.56 -1.87
CA LYS A 449 4.28 24.66 -2.77
C LYS A 449 5.56 25.41 -3.08
N LEU A 450 6.37 25.67 -2.05
CA LEU A 450 7.64 26.39 -2.23
C LEU A 450 8.61 25.65 -3.12
N PHE A 451 8.78 24.35 -2.91
CA PHE A 451 9.71 23.63 -3.75
C PHE A 451 9.24 23.45 -5.18
N SER A 452 7.94 23.61 -5.41
CA SER A 452 7.46 23.56 -6.79
C SER A 452 7.62 24.98 -7.38
N SER A 453 8.16 25.90 -6.59
CA SER A 453 8.38 27.25 -7.06
C SER A 453 9.83 27.49 -7.45
N VAL A 454 10.67 26.51 -7.19
CA VAL A 454 12.08 26.63 -7.52
C VAL A 454 12.32 26.43 -9.01
N LYS A 455 13.25 27.21 -9.57
CA LYS A 455 13.58 27.05 -10.97
C LYS A 455 14.66 25.98 -10.99
N TRP A 456 14.25 24.70 -11.07
CA TRP A 456 15.24 23.61 -11.03
C TRP A 456 16.21 23.61 -12.20
N GLY A 457 15.83 24.24 -13.30
CA GLY A 457 16.71 24.29 -14.45
C GLY A 457 17.72 25.45 -14.43
N GLN A 458 17.87 26.09 -13.28
CA GLN A 458 18.84 27.19 -13.07
C GLN A 458 19.77 26.83 -11.96
N GLN A 459 21.02 26.57 -12.29
CA GLN A 459 22.05 26.22 -11.32
C GLN A 459 22.10 27.15 -10.10
N GLU A 460 22.06 28.43 -10.37
CA GLU A 460 22.16 29.43 -9.32
C GLU A 460 20.97 29.39 -8.39
N ILE A 461 19.80 29.17 -8.95
CA ILE A 461 18.61 29.11 -8.13
C ILE A 461 18.68 27.86 -7.28
N VAL A 462 19.03 26.73 -7.90
CA VAL A 462 19.14 25.50 -7.15
C VAL A 462 20.12 25.70 -6.01
N ALA A 463 21.20 26.39 -6.31
CA ALA A 463 22.24 26.66 -5.32
C ALA A 463 21.66 27.42 -4.14
N LYS A 464 20.83 28.42 -4.43
CA LYS A 464 20.17 29.24 -3.41
C LYS A 464 19.22 28.43 -2.57
N THR A 465 18.63 27.41 -3.19
CA THR A 465 17.69 26.52 -2.51
C THR A 465 18.42 25.67 -1.47
N TYR A 466 19.55 25.09 -1.82
CA TYR A 466 20.29 24.33 -0.82
C TYR A 466 20.72 25.22 0.35
N GLN A 467 20.97 26.51 0.08
CA GLN A 467 21.38 27.43 1.12
C GLN A 467 20.19 27.58 2.05
N LEU A 468 19.02 27.63 1.44
CA LEU A 468 17.79 27.75 2.18
C LEU A 468 17.63 26.54 3.09
N LEU A 469 17.79 25.33 2.57
CA LEU A 469 17.61 24.15 3.42
C LEU A 469 18.65 24.05 4.48
N ALA A 470 19.77 24.74 4.28
CA ALA A 470 20.87 24.72 5.24
C ALA A 470 20.36 25.19 6.60
N ARG A 471 19.59 26.26 6.62
CA ARG A 471 19.00 26.76 7.85
C ARG A 471 17.63 26.14 7.87
N ARG A 472 17.56 24.90 8.37
CA ARG A 472 16.29 24.16 8.40
C ARG A 472 15.68 24.02 9.80
N GLU A 473 16.23 24.76 10.76
CA GLU A 473 15.75 24.76 12.15
C GLU A 473 14.25 24.58 12.31
N VAL A 474 13.46 25.42 11.66
CA VAL A 474 12.00 25.34 11.78
C VAL A 474 11.41 23.99 11.38
N TRP A 475 11.91 23.43 10.28
CA TRP A 475 11.43 22.14 9.78
C TRP A 475 11.83 20.98 10.69
N ASP A 476 13.11 20.94 11.04
CA ASP A 476 13.62 19.89 11.90
C ASP A 476 12.87 19.85 13.23
N GLN A 477 12.39 20.99 13.70
CA GLN A 477 11.67 21.04 14.98
C GLN A 477 10.16 20.95 14.79
N SER A 478 9.71 20.75 13.56
CA SER A 478 8.25 20.68 13.37
C SER A 478 7.68 19.35 13.87
N ALA A 479 6.41 19.38 14.28
CA ALA A 479 5.75 18.18 14.74
C ALA A 479 5.57 17.37 13.47
N LEU A 480 5.90 16.08 13.57
CA LEU A 480 5.79 15.16 12.44
C LEU A 480 4.40 15.20 11.79
N ASP A 481 4.38 15.44 10.49
CA ASP A 481 3.13 15.47 9.76
C ASP A 481 3.30 14.54 8.53
N VAL A 482 2.86 13.29 8.70
CA VAL A 482 2.96 12.32 7.64
C VAL A 482 2.38 12.76 6.31
N GLY A 483 1.24 13.42 6.32
CA GLY A 483 0.67 13.85 5.06
C GLY A 483 1.61 14.78 4.31
N LEU A 484 2.29 15.66 5.04
CA LEU A 484 3.24 16.60 4.46
C LEU A 484 4.49 15.91 3.95
N THR A 485 5.01 15.00 4.76
CA THR A 485 6.18 14.25 4.39
C THR A 485 5.91 13.47 3.08
N MET A 486 4.72 12.88 2.91
CA MET A 486 4.46 12.12 1.68
C MET A 486 4.43 13.00 0.46
N GLN A 487 4.01 14.25 0.65
CA GLN A 487 3.97 15.13 -0.51
C GLN A 487 5.35 15.35 -1.08
N LEU A 488 6.38 15.37 -0.23
CA LEU A 488 7.73 15.61 -0.73
C LEU A 488 8.34 14.33 -1.32
N LEU A 489 7.65 13.21 -1.17
CA LEU A 489 8.14 12.00 -1.76
C LEU A 489 7.32 11.59 -2.98
N ASP A 490 6.41 12.45 -3.46
CA ASP A 490 5.66 12.04 -4.61
C ASP A 490 6.37 12.42 -5.91
N CYS A 491 5.68 12.34 -7.04
CA CYS A 491 6.31 12.59 -8.33
C CYS A 491 6.70 14.01 -8.61
N ASN A 492 6.24 14.95 -7.79
CA ASN A 492 6.59 16.34 -8.04
C ASN A 492 7.96 16.74 -7.55
N PHE A 493 8.61 15.93 -6.74
CA PHE A 493 9.94 16.36 -6.33
C PHE A 493 11.01 15.35 -6.70
N SER A 494 11.93 15.77 -7.55
CA SER A 494 13.00 14.90 -7.95
C SER A 494 14.27 15.21 -7.20
N ASP A 495 14.32 16.33 -6.50
CA ASP A 495 15.55 16.65 -5.81
C ASP A 495 15.85 15.82 -4.57
N GLU A 496 17.05 15.28 -4.56
CA GLU A 496 17.58 14.43 -3.51
C GLU A 496 17.51 15.08 -2.16
N ASN A 497 17.95 16.32 -2.07
CA ASN A 497 17.96 17.06 -0.80
C ASN A 497 16.57 17.39 -0.29
N VAL A 498 15.69 17.75 -1.19
CA VAL A 498 14.34 18.01 -0.78
C VAL A 498 13.69 16.73 -0.31
N ARG A 499 13.90 15.61 -1.00
CA ARG A 499 13.22 14.38 -0.58
C ARG A 499 13.87 13.85 0.69
N ALA A 500 15.15 14.16 0.89
CA ALA A 500 15.84 13.72 2.10
C ALA A 500 15.27 14.29 3.38
N ILE A 501 14.80 15.52 3.39
CA ILE A 501 14.23 16.04 4.63
C ILE A 501 12.86 15.40 4.88
N ALA A 502 12.25 14.87 3.85
CA ALA A 502 11.00 14.15 4.06
C ALA A 502 11.45 12.91 4.82
N VAL A 503 12.38 12.15 4.26
CA VAL A 503 12.86 10.94 4.94
C VAL A 503 13.38 11.22 6.35
N GLN A 504 13.95 12.41 6.53
CA GLN A 504 14.47 12.79 7.86
C GLN A 504 13.33 12.79 8.88
N LYS A 505 12.15 13.20 8.43
CA LYS A 505 10.99 13.25 9.30
C LYS A 505 10.39 11.83 9.54
N LEU A 506 10.54 10.91 8.58
CA LEU A 506 10.01 9.57 8.78
C LEU A 506 10.78 8.90 9.88
N GLU A 507 12.06 9.22 9.99
CA GLU A 507 12.92 8.61 11.03
C GLU A 507 12.35 8.57 12.45
N SER A 508 11.57 9.61 12.80
CA SER A 508 10.99 9.65 14.13
C SER A 508 9.67 8.88 14.29
N LEU A 509 9.24 8.12 13.28
CA LEU A 509 7.98 7.36 13.44
C LEU A 509 8.22 6.08 14.25
N GLU A 510 7.26 5.69 15.05
CA GLU A 510 7.45 4.46 15.77
C GLU A 510 7.05 3.34 14.78
N ASP A 511 7.52 2.14 15.06
CA ASP A 511 7.27 0.97 14.22
C ASP A 511 5.79 0.82 13.92
N ASP A 512 4.95 1.04 14.92
CA ASP A 512 3.52 0.92 14.66
C ASP A 512 3.08 1.87 13.58
N ASP A 513 3.72 3.02 13.48
CA ASP A 513 3.33 3.96 12.44
C ASP A 513 3.91 3.63 11.09
N VAL A 514 5.14 3.15 11.06
CA VAL A 514 5.77 2.77 9.83
C VAL A 514 4.88 1.72 9.15
N LEU A 515 4.28 0.79 9.90
CA LEU A 515 3.41 -0.27 9.37
C LEU A 515 2.15 0.27 8.70
N HIS A 516 1.62 1.37 9.24
CA HIS A 516 0.44 2.00 8.70
C HIS A 516 0.76 2.61 7.36
N TYR A 517 1.98 3.03 7.15
CA TYR A 517 2.31 3.66 5.85
C TYR A 517 3.24 2.87 5.00
N LEU A 518 3.64 1.71 5.49
CA LEU A 518 4.64 0.93 4.76
C LEU A 518 4.34 0.72 3.28
N LEU A 519 3.14 0.26 2.96
CA LEU A 519 2.84 0.02 1.56
C LEU A 519 3.06 1.31 0.73
N GLN A 520 2.59 2.46 1.24
CA GLN A 520 2.73 3.72 0.55
C GLN A 520 4.19 4.15 0.44
N LEU A 521 4.99 3.96 1.49
CA LEU A 521 6.40 4.28 1.41
C LEU A 521 7.09 3.39 0.38
N VAL A 522 6.71 2.11 0.29
CA VAL A 522 7.34 1.24 -0.71
C VAL A 522 6.93 1.70 -2.08
N GLN A 523 5.65 2.02 -2.28
CA GLN A 523 5.24 2.49 -3.62
C GLN A 523 5.95 3.79 -4.02
N ALA A 524 6.26 4.64 -3.03
CA ALA A 524 6.89 5.92 -3.36
C ALA A 524 8.33 5.72 -3.82
N VAL A 525 8.90 4.51 -3.65
CA VAL A 525 10.26 4.25 -4.14
C VAL A 525 10.29 4.40 -5.68
N LYS A 526 9.10 4.28 -6.29
CA LYS A 526 8.96 4.42 -7.76
C LYS A 526 9.18 5.86 -8.24
N PHE A 527 8.99 6.84 -7.34
CA PHE A 527 9.19 8.25 -7.66
C PHE A 527 10.65 8.66 -7.43
N GLU A 528 11.47 7.77 -6.89
CA GLU A 528 12.92 8.12 -6.71
C GLU A 528 13.67 8.12 -8.06
N PRO A 529 14.46 9.15 -8.33
CA PRO A 529 15.17 9.09 -9.62
C PRO A 529 16.31 8.05 -9.63
N TYR A 530 16.95 7.80 -8.48
CA TYR A 530 18.05 6.79 -8.38
C TYR A 530 17.65 5.57 -7.57
N HIS A 531 18.26 4.41 -7.89
CA HIS A 531 17.96 3.14 -7.19
C HIS A 531 18.31 3.21 -5.74
N ASP A 532 19.46 3.78 -5.45
CA ASP A 532 19.87 3.90 -4.06
C ASP A 532 19.34 5.25 -3.59
N SER A 533 18.55 5.24 -2.55
CA SER A 533 18.02 6.49 -2.09
C SER A 533 17.83 6.44 -0.58
N ALA A 534 17.65 7.61 -0.01
CA ALA A 534 17.49 7.72 1.42
C ALA A 534 16.21 6.97 1.80
N LEU A 535 15.15 7.09 0.99
CA LEU A 535 13.88 6.39 1.25
C LEU A 535 14.13 4.86 1.22
N ALA A 536 14.88 4.39 0.22
CA ALA A 536 15.15 2.97 0.13
C ALA A 536 15.97 2.58 1.34
N ARG A 537 16.82 3.49 1.78
CA ARG A 537 17.66 3.18 2.94
C ARG A 537 16.82 3.17 4.16
N PHE A 538 15.86 4.06 4.22
CA PHE A 538 14.98 4.05 5.38
C PHE A 538 14.14 2.74 5.47
N LEU A 539 13.64 2.22 4.35
CA LEU A 539 12.86 0.98 4.39
C LEU A 539 13.75 -0.21 4.78
N LEU A 540 14.89 -0.33 4.13
CA LEU A 540 15.84 -1.37 4.47
C LEU A 540 16.03 -1.40 5.97
N LYS A 541 16.39 -0.24 6.53
CA LYS A 541 16.64 -0.14 7.96
C LYS A 541 15.48 -0.48 8.88
N ARG A 542 14.29 0.03 8.62
CA ARG A 542 13.18 -0.31 9.52
C ARG A 542 12.76 -1.79 9.36
N GLY A 543 12.92 -2.30 8.15
CA GLY A 543 12.63 -3.69 7.89
C GLY A 543 13.59 -4.55 8.68
N LEU A 544 14.86 -4.15 8.68
CA LEU A 544 15.89 -4.89 9.40
C LEU A 544 15.78 -4.69 10.88
N ARG A 545 15.07 -3.65 11.28
CA ARG A 545 14.96 -3.37 12.70
C ARG A 545 13.83 -4.13 13.35
N ASN A 546 12.82 -4.47 12.57
CA ASN A 546 11.63 -5.10 13.16
C ASN A 546 11.14 -6.26 12.31
N LYS A 547 10.89 -7.40 12.93
CA LYS A 547 10.44 -8.59 12.18
C LYS A 547 9.11 -8.45 11.47
N ARG A 548 8.19 -7.74 12.07
CA ARG A 548 6.90 -7.59 11.45
C ARG A 548 6.99 -6.62 10.28
N ILE A 549 7.82 -5.60 10.39
CA ILE A 549 7.95 -4.70 9.28
C ILE A 549 8.71 -5.37 8.15
N GLY A 550 9.74 -6.15 8.48
CA GLY A 550 10.55 -6.84 7.45
C GLY A 550 9.76 -7.85 6.63
N HIS A 551 8.85 -8.53 7.32
CA HIS A 551 7.99 -9.53 6.75
C HIS A 551 7.11 -8.88 5.67
N PHE A 552 6.43 -7.80 6.05
CA PHE A 552 5.61 -7.11 5.10
C PHE A 552 6.42 -6.42 3.99
N LEU A 553 7.56 -5.85 4.32
CA LEU A 553 8.42 -5.22 3.32
C LEU A 553 8.75 -6.32 2.29
N PHE A 554 9.04 -7.51 2.80
CA PHE A 554 9.34 -8.64 1.89
C PHE A 554 8.20 -8.85 0.84
N TRP A 555 6.98 -9.08 1.31
CA TRP A 555 5.85 -9.30 0.39
C TRP A 555 5.49 -8.12 -0.53
N PHE A 556 5.63 -6.89 -0.01
CA PHE A 556 5.30 -5.68 -0.78
C PHE A 556 6.35 -5.49 -1.88
N LEU A 557 7.59 -5.86 -1.63
CA LEU A 557 8.62 -5.67 -2.66
C LEU A 557 8.45 -6.82 -3.67
N ARG A 558 8.28 -8.05 -3.16
CA ARG A 558 8.11 -9.24 -4.00
C ARG A 558 6.92 -9.07 -4.97
N SER A 559 5.89 -8.39 -4.48
CA SER A 559 4.68 -8.14 -5.24
C SER A 559 5.01 -7.38 -6.52
N GLU A 560 5.81 -6.32 -6.38
CA GLU A 560 6.18 -5.52 -7.53
C GLU A 560 7.23 -6.22 -8.43
N ILE A 561 8.22 -6.87 -7.83
CA ILE A 561 9.27 -7.58 -8.56
C ILE A 561 8.68 -8.68 -9.50
N ALA A 562 7.61 -9.35 -9.04
CA ALA A 562 6.93 -10.41 -9.77
C ALA A 562 6.14 -9.96 -10.99
N GLN A 563 5.67 -8.72 -10.99
CA GLN A 563 4.86 -8.25 -12.11
C GLN A 563 5.17 -6.91 -12.75
N SER A 564 6.08 -6.13 -12.16
CA SER A 564 6.39 -4.84 -12.74
C SER A 564 7.66 -4.88 -13.55
N ARG A 565 7.54 -4.72 -14.87
CA ARG A 565 8.72 -4.71 -15.69
C ARG A 565 9.42 -3.38 -15.43
N HIS A 566 8.61 -2.34 -15.16
CA HIS A 566 9.13 -1.00 -14.96
C HIS A 566 10.00 -0.81 -13.71
N TYR A 567 9.72 -1.57 -12.64
CA TYR A 567 10.47 -1.45 -11.37
C TYR A 567 11.02 -2.72 -10.68
N GLN A 568 10.82 -3.89 -11.27
CA GLN A 568 11.30 -5.11 -10.63
C GLN A 568 12.79 -5.06 -10.38
N GLN A 569 13.53 -4.41 -11.27
CA GLN A 569 14.98 -4.37 -11.14
C GLN A 569 15.44 -3.64 -9.89
N ARG A 570 14.94 -2.41 -9.71
CA ARG A 570 15.26 -1.59 -8.51
C ARG A 570 14.70 -2.30 -7.26
N PHE A 571 13.45 -2.75 -7.32
CA PHE A 571 12.92 -3.41 -6.14
C PHE A 571 13.66 -4.76 -5.83
N ALA A 572 14.18 -5.45 -6.84
CA ALA A 572 14.89 -6.71 -6.55
C ALA A 572 16.17 -6.44 -5.75
N VAL A 573 16.87 -5.36 -6.08
CA VAL A 573 18.10 -5.03 -5.40
C VAL A 573 17.83 -4.66 -3.95
N ILE A 574 16.78 -3.91 -3.70
CA ILE A 574 16.49 -3.53 -2.33
C ILE A 574 16.08 -4.75 -1.56
N LEU A 575 15.33 -5.67 -2.18
CA LEU A 575 14.90 -6.89 -1.45
C LEU A 575 16.10 -7.78 -1.09
N GLU A 576 17.01 -7.98 -2.04
CA GLU A 576 18.16 -8.81 -1.77
C GLU A 576 18.91 -8.20 -0.57
N ALA A 577 19.09 -6.88 -0.58
CA ALA A 577 19.76 -6.21 0.53
C ALA A 577 19.10 -6.52 1.89
N TYR A 578 17.77 -6.60 1.91
CA TYR A 578 17.07 -6.91 3.15
C TYR A 578 17.21 -8.43 3.49
N LEU A 579 17.15 -9.28 2.47
CA LEU A 579 17.25 -10.72 2.70
C LEU A 579 18.62 -11.05 3.30
N ARG A 580 19.66 -10.34 2.87
CA ARG A 580 21.00 -10.54 3.38
C ARG A 580 21.17 -10.05 4.82
N GLY A 581 20.14 -9.51 5.46
CA GLY A 581 20.30 -9.11 6.84
C GLY A 581 19.18 -9.46 7.81
N CYS A 582 18.09 -10.07 7.33
CA CYS A 582 16.96 -10.41 8.23
C CYS A 582 17.30 -11.57 9.21
N GLY A 583 18.31 -12.38 8.87
CA GLY A 583 18.67 -13.53 9.72
C GLY A 583 18.26 -14.86 9.09
N THR A 584 18.97 -15.94 9.42
CA THR A 584 18.70 -17.27 8.87
C THR A 584 17.31 -17.78 9.13
N ALA A 585 16.80 -17.50 10.32
CA ALA A 585 15.48 -17.98 10.70
C ALA A 585 14.43 -17.42 9.72
N MET A 586 14.35 -16.09 9.64
CA MET A 586 13.45 -15.41 8.72
C MET A 586 13.71 -15.95 7.31
N LEU A 587 14.97 -16.03 6.91
CA LEU A 587 15.31 -16.57 5.61
C LEU A 587 14.68 -17.95 5.41
N HIS A 588 14.70 -18.78 6.46
CA HIS A 588 14.09 -20.11 6.40
C HIS A 588 12.57 -19.95 6.29
N ASP A 589 11.97 -19.06 7.10
CA ASP A 589 10.51 -18.85 6.99
C ASP A 589 10.06 -18.39 5.60
N PHE A 590 10.72 -17.37 5.05
CA PHE A 590 10.35 -16.90 3.74
C PHE A 590 10.44 -18.01 2.73
N THR A 591 11.47 -18.85 2.87
CA THR A 591 11.68 -19.99 1.97
C THR A 591 10.46 -20.94 2.02
N GLN A 592 9.94 -21.24 3.21
CA GLN A 592 8.76 -22.11 3.29
C GLN A 592 7.55 -21.42 2.69
N GLN A 593 7.38 -20.13 2.98
CA GLN A 593 6.24 -19.41 2.46
C GLN A 593 6.27 -19.37 0.96
N VAL A 594 7.46 -19.16 0.43
CA VAL A 594 7.55 -19.03 -1.02
C VAL A 594 7.29 -20.35 -1.74
N GLN A 595 7.82 -21.45 -1.25
CA GLN A 595 7.59 -22.73 -1.88
C GLN A 595 6.09 -23.06 -1.89
N VAL A 596 5.43 -22.80 -0.77
CA VAL A 596 4.00 -23.03 -0.66
C VAL A 596 3.14 -22.20 -1.62
N ILE A 597 3.31 -20.87 -1.58
CA ILE A 597 2.48 -20.01 -2.39
C ILE A 597 2.79 -20.23 -3.84
N GLU A 598 4.04 -20.54 -4.12
CA GLU A 598 4.42 -20.80 -5.49
C GLU A 598 3.69 -22.06 -6.04
N MET A 599 3.51 -23.08 -5.20
CA MET A 599 2.80 -24.30 -5.59
C MET A 599 1.31 -24.03 -5.78
N LEU A 600 0.70 -23.39 -4.79
CA LEU A 600 -0.70 -23.06 -4.86
C LEU A 600 -0.97 -22.13 -6.04
N GLN A 601 0.01 -21.33 -6.41
CA GLN A 601 -0.16 -20.44 -7.55
C GLN A 601 -0.30 -21.30 -8.80
N LYS A 602 0.57 -22.30 -8.93
CA LYS A 602 0.51 -23.20 -10.09
C LYS A 602 -0.84 -23.90 -10.16
N VAL A 603 -1.26 -24.49 -9.04
CA VAL A 603 -2.53 -25.17 -8.99
C VAL A 603 -3.66 -24.24 -9.36
N THR A 604 -3.64 -23.06 -8.78
CA THR A 604 -4.66 -22.07 -9.04
C THR A 604 -4.83 -21.83 -10.54
N LEU A 605 -3.72 -21.62 -11.24
CA LEU A 605 -3.78 -21.37 -12.67
C LEU A 605 -4.24 -22.57 -13.47
N ASP A 606 -3.67 -23.74 -13.20
CA ASP A 606 -4.08 -24.95 -13.93
C ASP A 606 -5.54 -25.24 -13.79
N ILE A 607 -6.04 -25.06 -12.57
CA ILE A 607 -7.45 -25.29 -12.30
C ILE A 607 -8.27 -24.26 -13.06
N LYS A 608 -7.75 -23.03 -13.15
CA LYS A 608 -8.45 -21.94 -13.84
C LYS A 608 -8.69 -22.32 -15.31
N SER A 609 -7.72 -23.02 -15.89
CA SER A 609 -7.84 -23.50 -17.27
C SER A 609 -8.97 -24.54 -17.39
N LEU A 610 -9.08 -25.41 -16.41
CA LEU A 610 -10.11 -26.44 -16.46
C LEU A 610 -11.46 -25.88 -16.13
N SER A 611 -11.60 -24.55 -16.25
CA SER A 611 -12.86 -23.88 -15.93
C SER A 611 -13.08 -22.62 -16.77
N ALA A 612 -14.23 -22.54 -17.44
CA ALA A 612 -14.54 -21.39 -18.27
C ALA A 612 -14.93 -20.19 -17.43
N GLU A 613 -15.80 -19.34 -18.00
CA GLU A 613 -16.28 -18.14 -17.33
C GLU A 613 -17.67 -18.42 -16.73
N LYS A 614 -18.59 -18.89 -17.58
CA LYS A 614 -19.96 -19.19 -17.16
C LYS A 614 -20.01 -19.99 -15.85
N TYR A 615 -20.29 -19.26 -14.77
CA TYR A 615 -20.37 -19.83 -13.42
C TYR A 615 -21.12 -21.16 -13.34
N ASP A 616 -20.62 -22.04 -12.46
CA ASP A 616 -21.19 -23.36 -12.25
C ASP A 616 -20.31 -24.23 -11.35
N VAL A 617 -19.09 -24.54 -11.81
CA VAL A 617 -18.17 -25.38 -11.04
C VAL A 617 -18.76 -26.78 -10.92
N SER A 618 -18.17 -27.72 -11.63
CA SER A 618 -18.65 -29.09 -11.58
C SER A 618 -17.82 -29.87 -10.58
N SER A 619 -18.35 -31.04 -10.22
CA SER A 619 -17.70 -31.90 -9.28
C SER A 619 -16.42 -32.41 -9.92
N GLN A 620 -16.34 -32.27 -11.24
CA GLN A 620 -15.17 -32.65 -12.02
C GLN A 620 -13.97 -31.74 -11.73
N VAL A 621 -14.18 -30.43 -11.76
CA VAL A 621 -13.10 -29.49 -11.52
C VAL A 621 -12.68 -29.55 -10.06
N ILE A 622 -13.62 -29.85 -9.18
CA ILE A 622 -13.30 -29.94 -7.76
C ILE A 622 -12.52 -31.24 -7.54
N SER A 623 -12.94 -32.32 -8.21
CA SER A 623 -12.23 -33.58 -8.07
C SER A 623 -10.79 -33.34 -8.52
N GLN A 624 -10.64 -32.65 -9.64
CA GLN A 624 -9.36 -32.32 -10.19
C GLN A 624 -8.54 -31.46 -9.22
N LEU A 625 -9.24 -30.67 -8.39
CA LEU A 625 -8.57 -29.82 -7.41
C LEU A 625 -8.03 -30.70 -6.30
N LYS A 626 -8.92 -31.50 -5.71
CA LYS A 626 -8.51 -32.36 -4.61
C LYS A 626 -7.37 -33.30 -4.98
N GLN A 627 -7.32 -33.74 -6.24
CA GLN A 627 -6.25 -34.63 -6.66
C GLN A 627 -4.95 -33.87 -6.63
N LYS A 628 -4.95 -32.68 -7.23
CA LYS A 628 -3.78 -31.82 -7.30
C LYS A 628 -3.29 -31.43 -5.89
N LEU A 629 -4.20 -31.20 -4.96
CA LEU A 629 -3.79 -30.84 -3.60
C LEU A 629 -3.19 -32.06 -2.93
N GLU A 630 -3.84 -33.20 -3.14
CA GLU A 630 -3.37 -34.47 -2.56
C GLU A 630 -1.90 -34.67 -2.92
N ASN A 631 -1.50 -34.30 -4.12
CA ASN A 631 -0.12 -34.48 -4.52
C ASN A 631 0.82 -33.60 -3.72
N LEU A 632 0.40 -32.36 -3.45
CA LEU A 632 1.25 -31.47 -2.69
C LEU A 632 1.36 -31.93 -1.24
N GLN A 633 0.22 -32.26 -0.63
CA GLN A 633 0.19 -32.72 0.75
C GLN A 633 1.34 -33.69 1.02
N ASN A 634 1.92 -34.25 -0.05
CA ASN A 634 3.06 -35.17 0.04
C ASN A 634 4.33 -34.37 0.33
N SER A 635 5.50 -34.96 0.09
CA SER A 635 6.75 -34.24 0.35
C SER A 635 6.96 -33.15 -0.69
N GLN A 636 6.26 -32.04 -0.52
CA GLN A 636 6.37 -30.91 -1.42
C GLN A 636 5.97 -29.66 -0.63
N LEU A 637 4.79 -29.73 -0.02
CA LEU A 637 4.27 -28.63 0.78
C LEU A 637 4.82 -28.82 2.18
N PRO A 638 5.72 -27.92 2.62
CA PRO A 638 6.35 -27.95 3.95
C PRO A 638 5.32 -28.15 5.04
N GLU A 639 5.75 -28.76 6.15
CA GLU A 639 4.89 -29.03 7.29
C GLU A 639 4.05 -27.81 7.64
N SER A 640 4.70 -26.65 7.68
CA SER A 640 3.96 -25.44 7.99
C SER A 640 4.54 -24.20 7.32
N PHE A 641 3.90 -23.06 7.55
CA PHE A 641 4.35 -21.82 6.97
C PHE A 641 3.56 -20.69 7.56
N ARG A 642 4.16 -19.50 7.62
CA ARG A 642 3.46 -18.34 8.17
C ARG A 642 2.56 -17.77 7.10
N VAL A 643 1.37 -17.40 7.50
CA VAL A 643 0.37 -16.80 6.63
C VAL A 643 0.93 -15.45 6.32
N PRO A 644 1.16 -15.13 5.03
CA PRO A 644 1.73 -13.86 4.57
C PRO A 644 1.10 -12.55 5.01
N TYR A 645 -0.23 -12.52 5.07
CA TYR A 645 -0.90 -11.30 5.48
C TYR A 645 -1.14 -11.35 6.96
N ASP A 646 -0.68 -12.40 7.62
CA ASP A 646 -0.88 -12.47 9.06
C ASP A 646 0.25 -13.28 9.64
N PRO A 647 1.45 -12.68 9.62
CA PRO A 647 2.69 -13.32 10.11
C PRO A 647 2.66 -14.01 11.47
N GLY A 648 1.80 -13.56 12.37
CA GLY A 648 1.70 -14.19 13.67
C GLY A 648 1.02 -15.56 13.60
N LEU A 649 0.40 -15.90 12.47
CA LEU A 649 -0.29 -17.17 12.30
C LEU A 649 0.50 -18.20 11.51
N LYS A 650 0.56 -19.43 12.03
CA LYS A 650 1.29 -20.53 11.38
C LYS A 650 0.29 -21.53 10.84
N ALA A 651 0.35 -21.86 9.55
CA ALA A 651 -0.57 -22.84 9.00
C ALA A 651 0.15 -24.20 8.85
N GLY A 652 -0.58 -25.29 9.10
CA GLY A 652 0.02 -26.60 8.98
C GLY A 652 -0.50 -27.24 7.73
N ALA A 653 -0.95 -28.49 7.86
CA ALA A 653 -1.48 -29.20 6.71
C ALA A 653 -2.82 -28.71 6.20
N LEU A 654 -3.00 -28.90 4.91
CA LEU A 654 -4.24 -28.58 4.21
C LEU A 654 -5.35 -29.51 4.65
N ALA A 655 -6.55 -28.97 4.75
CA ALA A 655 -7.75 -29.72 5.11
C ALA A 655 -8.38 -29.91 3.70
N ILE A 656 -7.84 -30.89 2.97
CA ILE A 656 -8.22 -31.14 1.59
C ILE A 656 -9.70 -31.35 1.37
N GLU A 657 -10.34 -31.97 2.34
CA GLU A 657 -11.76 -32.26 2.31
C GLU A 657 -12.56 -30.99 2.35
N LYS A 658 -11.96 -29.93 2.86
CA LYS A 658 -12.65 -28.64 2.99
C LYS A 658 -12.28 -27.69 1.87
N CYS A 659 -11.31 -28.07 1.04
CA CYS A 659 -10.88 -27.21 -0.05
C CYS A 659 -11.87 -27.29 -1.22
N LYS A 660 -11.90 -26.28 -2.09
CA LYS A 660 -12.82 -26.34 -3.22
C LYS A 660 -12.67 -25.18 -4.16
N VAL A 661 -13.43 -25.18 -5.24
CA VAL A 661 -13.39 -24.09 -6.19
C VAL A 661 -14.72 -23.33 -5.98
N MET A 662 -14.62 -22.01 -5.86
CA MET A 662 -15.79 -21.16 -5.65
C MET A 662 -16.51 -20.91 -6.98
N ALA A 663 -17.82 -20.78 -6.88
CA ALA A 663 -18.64 -20.56 -8.07
C ALA A 663 -18.77 -19.07 -8.33
N SER A 664 -17.80 -18.51 -9.02
CA SER A 664 -17.84 -17.09 -9.32
C SER A 664 -17.18 -16.93 -10.67
N LYS A 665 -17.34 -15.74 -11.26
CA LYS A 665 -16.74 -15.45 -12.56
C LYS A 665 -15.33 -16.01 -12.56
N LYS A 666 -14.51 -15.55 -11.62
CA LYS A 666 -13.14 -16.04 -11.50
C LYS A 666 -13.30 -17.37 -10.75
N LYS A 667 -12.39 -18.32 -10.95
CA LYS A 667 -12.62 -19.58 -10.23
C LYS A 667 -11.55 -19.71 -9.14
N PRO A 668 -11.63 -18.89 -8.08
CA PRO A 668 -10.63 -18.97 -7.04
C PRO A 668 -10.74 -20.19 -6.20
N LEU A 669 -9.58 -20.61 -5.67
CA LEU A 669 -9.53 -21.76 -4.80
C LEU A 669 -9.84 -21.28 -3.40
N TRP A 670 -10.54 -22.08 -2.64
CA TRP A 670 -10.88 -21.77 -1.27
C TRP A 670 -10.13 -22.84 -0.47
N LEU A 671 -8.97 -22.49 0.08
CA LEU A 671 -8.18 -23.44 0.82
C LEU A 671 -8.30 -23.29 2.32
N GLU A 672 -8.22 -24.41 3.02
CA GLU A 672 -8.27 -24.37 4.47
C GLU A 672 -7.13 -25.20 5.01
N PHE A 673 -6.48 -24.68 6.03
CA PHE A 673 -5.35 -25.36 6.65
C PHE A 673 -5.63 -25.44 8.13
N LYS A 674 -5.02 -26.44 8.74
CA LYS A 674 -5.13 -26.60 10.18
C LYS A 674 -4.08 -25.64 10.77
N CYS A 675 -4.30 -25.15 11.98
CA CYS A 675 -3.31 -24.27 12.60
C CYS A 675 -2.20 -25.17 13.12
N ALA A 676 -0.97 -24.87 12.75
CA ALA A 676 0.18 -25.63 13.15
C ALA A 676 0.62 -25.34 14.58
N ASP A 677 -0.21 -24.67 15.38
CA ASP A 677 0.17 -24.37 16.76
C ASP A 677 -0.76 -25.07 17.76
N PRO A 678 -0.23 -26.05 18.51
CA PRO A 678 -1.05 -26.77 19.49
C PRO A 678 -1.60 -25.89 20.60
N THR A 679 -0.85 -24.88 21.01
CA THR A 679 -1.32 -24.02 22.07
C THR A 679 -2.53 -23.19 21.63
N ALA A 680 -2.87 -23.29 20.35
CA ALA A 680 -4.00 -22.56 19.79
C ALA A 680 -5.22 -22.76 20.70
N LEU A 681 -6.14 -21.81 20.67
CA LEU A 681 -7.33 -21.86 21.52
C LEU A 681 -8.54 -22.48 20.83
N SER A 682 -8.31 -23.07 19.66
CA SER A 682 -9.39 -23.66 18.90
C SER A 682 -8.97 -24.76 17.91
N ASN A 683 -9.94 -25.26 17.16
CA ASN A 683 -9.70 -26.29 16.17
C ASN A 683 -9.96 -25.62 14.81
N GLU A 684 -10.33 -24.33 14.85
CA GLU A 684 -10.61 -23.55 13.63
C GLU A 684 -9.45 -23.56 12.63
N THR A 685 -9.75 -23.89 11.38
CA THR A 685 -8.73 -23.90 10.35
C THR A 685 -8.53 -22.49 9.82
N ILE A 686 -7.44 -22.31 9.07
CA ILE A 686 -7.11 -21.03 8.50
C ILE A 686 -7.53 -21.08 7.05
N GLY A 687 -8.43 -20.18 6.67
CA GLY A 687 -8.94 -20.16 5.33
C GLY A 687 -8.22 -19.14 4.50
N ILE A 688 -7.95 -19.49 3.26
CA ILE A 688 -7.24 -18.61 2.38
C ILE A 688 -7.71 -18.90 0.98
N ILE A 689 -8.03 -17.82 0.28
CA ILE A 689 -8.50 -17.83 -1.07
C ILE A 689 -7.37 -17.49 -2.00
N PHE A 690 -7.12 -18.33 -2.99
CA PHE A 690 -6.11 -18.06 -3.99
C PHE A 690 -6.88 -17.76 -5.26
N LYS A 691 -6.64 -16.59 -5.83
CA LYS A 691 -7.35 -16.12 -7.02
C LYS A 691 -6.53 -15.52 -8.16
N HIS A 692 -7.02 -15.77 -9.37
CA HIS A 692 -6.43 -15.25 -10.59
C HIS A 692 -7.53 -14.47 -11.36
N GLY A 693 -7.18 -13.29 -11.89
CA GLY A 693 -8.13 -12.52 -12.65
C GLY A 693 -8.34 -11.09 -12.17
N ASP A 694 -7.83 -10.82 -10.98
CA ASP A 694 -7.95 -9.51 -10.39
C ASP A 694 -6.57 -9.04 -9.99
N ASP A 695 -6.36 -7.76 -10.22
CA ASP A 695 -5.13 -7.07 -9.87
C ASP A 695 -5.30 -6.72 -8.41
N LEU A 696 -4.71 -7.52 -7.53
CA LEU A 696 -4.81 -7.33 -6.09
C LEU A 696 -3.95 -6.16 -5.55
N ARG A 697 -3.18 -5.54 -6.41
CA ARG A 697 -2.34 -4.41 -6.01
C ARG A 697 -3.25 -3.26 -5.63
N GLN A 698 -4.36 -3.17 -6.35
CA GLN A 698 -5.34 -2.15 -6.10
C GLN A 698 -6.03 -2.41 -4.75
N ASP A 699 -6.39 -3.66 -4.51
CA ASP A 699 -7.01 -4.05 -3.26
C ASP A 699 -6.04 -3.77 -2.11
N MET A 700 -4.76 -4.08 -2.30
CA MET A 700 -3.84 -3.81 -1.22
C MET A 700 -3.88 -2.33 -0.86
N LEU A 701 -3.77 -1.48 -1.86
CA LEU A 701 -3.79 -0.05 -1.72
C LEU A 701 -5.03 0.48 -0.99
N ILE A 702 -6.24 0.06 -1.43
CA ILE A 702 -7.52 0.44 -0.79
C ILE A 702 -7.58 -0.04 0.68
N LEU A 703 -7.29 -1.31 0.92
CA LEU A 703 -7.36 -1.85 2.27
C LEU A 703 -6.47 -1.09 3.25
N GLN A 704 -5.32 -0.66 2.75
CA GLN A 704 -4.37 0.03 3.58
C GLN A 704 -4.84 1.44 3.93
N ILE A 705 -5.46 2.14 2.99
CA ILE A 705 -5.96 3.46 3.25
C ILE A 705 -7.11 3.32 4.26
N LEU A 706 -7.79 2.19 4.19
CA LEU A 706 -8.89 1.88 5.08
C LEU A 706 -8.32 1.78 6.47
N ARG A 707 -7.15 1.20 6.60
CA ARG A 707 -6.50 1.11 7.91
C ARG A 707 -6.09 2.49 8.39
N ILE A 708 -5.65 3.34 7.47
CA ILE A 708 -5.31 4.66 7.87
C ILE A 708 -6.57 5.44 8.31
N MET A 709 -7.68 5.30 7.58
CA MET A 709 -8.89 5.97 8.01
C MET A 709 -9.30 5.54 9.41
N GLU A 710 -8.97 4.31 9.79
CA GLU A 710 -9.31 3.82 11.09
C GLU A 710 -8.46 4.51 12.12
N SER A 711 -7.17 4.68 11.86
CA SER A 711 -6.35 5.29 12.89
C SER A 711 -6.74 6.75 13.03
N ILE A 712 -7.22 7.34 11.95
CA ILE A 712 -7.64 8.70 12.03
C ILE A 712 -8.86 8.78 12.90
N TRP A 713 -9.79 7.86 12.74
CA TRP A 713 -11.00 7.95 13.56
C TRP A 713 -10.72 7.72 15.03
N GLU A 714 -9.76 6.85 15.32
CA GLU A 714 -9.35 6.54 16.67
C GLU A 714 -8.87 7.81 17.38
N THR A 715 -8.03 8.60 16.73
CA THR A 715 -7.52 9.83 17.34
C THR A 715 -8.71 10.74 17.64
N GLU A 716 -9.92 10.29 17.33
CA GLU A 716 -11.10 11.11 17.62
C GLU A 716 -12.12 10.34 18.39
N SER A 717 -11.69 9.24 19.00
CA SER A 717 -12.58 8.43 19.80
C SER A 717 -13.72 7.75 19.04
N LEU A 718 -13.44 7.42 17.78
CA LEU A 718 -14.43 6.71 16.97
C LEU A 718 -13.95 5.34 16.50
N ASP A 719 -14.90 4.43 16.45
CA ASP A 719 -14.63 3.12 15.96
C ASP A 719 -15.71 2.78 14.95
N LEU A 720 -15.41 2.93 13.67
CA LEU A 720 -16.41 2.63 12.64
C LEU A 720 -16.47 1.13 12.31
N CYS A 721 -15.69 0.31 13.00
CA CYS A 721 -15.76 -1.14 12.75
C CYS A 721 -15.49 -1.59 11.30
N LEU A 722 -14.49 -1.00 10.64
CA LEU A 722 -14.18 -1.43 9.29
C LEU A 722 -13.58 -2.81 9.46
N LEU A 723 -13.40 -3.54 8.37
CA LEU A 723 -12.82 -4.89 8.44
C LEU A 723 -11.90 -5.02 7.24
N PRO A 724 -10.68 -4.49 7.34
CA PRO A 724 -9.77 -4.56 6.21
C PRO A 724 -8.96 -5.83 6.35
N TYR A 725 -9.51 -6.87 5.74
CA TYR A 725 -8.97 -8.22 5.73
C TYR A 725 -7.66 -8.36 4.98
N GLY A 726 -6.89 -9.37 5.38
CA GLY A 726 -5.59 -9.64 4.78
C GLY A 726 -5.65 -9.85 3.28
N CYS A 727 -4.68 -9.28 2.55
CA CYS A 727 -4.62 -9.41 1.08
C CYS A 727 -3.22 -9.15 0.54
N ILE A 728 -2.70 -10.05 -0.27
CA ILE A 728 -1.37 -9.84 -0.83
C ILE A 728 -1.25 -10.27 -2.25
N SER A 729 -0.96 -9.31 -3.12
CA SER A 729 -0.76 -9.59 -4.51
C SER A 729 0.56 -10.32 -4.63
N THR A 730 0.53 -11.55 -5.15
CA THR A 730 1.76 -12.34 -5.30
C THR A 730 2.28 -12.40 -6.72
N GLY A 731 1.54 -11.86 -7.68
CA GLY A 731 1.99 -11.88 -9.07
C GLY A 731 0.99 -11.23 -10.01
N ASP A 732 1.19 -11.33 -11.34
CA ASP A 732 0.26 -10.69 -12.27
C ASP A 732 -1.18 -11.26 -12.29
N LYS A 733 -2.10 -10.44 -11.81
CA LYS A 733 -3.52 -10.80 -11.74
C LYS A 733 -3.79 -11.99 -10.84
N ILE A 734 -2.87 -12.23 -9.91
CA ILE A 734 -3.00 -13.33 -8.96
C ILE A 734 -2.52 -13.02 -7.54
N GLY A 735 -3.14 -13.64 -6.54
CA GLY A 735 -2.71 -13.46 -5.16
C GLY A 735 -3.54 -14.18 -4.12
N MET A 736 -3.32 -13.90 -2.83
CA MET A 736 -4.07 -14.50 -1.74
C MET A 736 -4.94 -13.50 -1.00
N ILE A 737 -6.01 -14.00 -0.41
CA ILE A 737 -6.99 -13.17 0.28
C ILE A 737 -7.41 -13.91 1.55
N GLU A 738 -7.57 -13.18 2.65
CA GLU A 738 -7.96 -13.81 3.90
C GLU A 738 -9.43 -14.21 3.77
N ILE A 739 -9.78 -15.36 4.36
CA ILE A 739 -11.19 -15.78 4.35
C ILE A 739 -11.74 -15.31 5.70
N VAL A 740 -12.65 -14.36 5.66
CA VAL A 740 -13.26 -13.86 6.89
C VAL A 740 -14.27 -14.92 7.27
N LYS A 741 -14.15 -15.49 8.47
CA LYS A 741 -15.09 -16.52 8.96
C LYS A 741 -16.55 -16.04 9.16
N ASP A 742 -17.49 -16.95 8.90
CA ASP A 742 -18.90 -16.67 9.06
C ASP A 742 -19.38 -15.41 8.36
N ALA A 743 -19.03 -15.32 7.09
CA ALA A 743 -19.36 -14.17 6.28
C ALA A 743 -19.97 -14.57 4.98
N THR A 744 -20.94 -13.78 4.55
CA THR A 744 -21.52 -14.10 3.29
C THR A 744 -21.74 -12.83 2.57
N THR A 745 -22.03 -12.97 1.30
CA THR A 745 -22.28 -11.87 0.40
C THR A 745 -23.73 -11.39 0.55
N ILE A 746 -23.93 -10.09 0.47
CA ILE A 746 -25.27 -9.55 0.57
C ILE A 746 -26.15 -10.05 -0.61
N ALA A 747 -25.52 -10.38 -1.73
CA ALA A 747 -26.27 -10.90 -2.87
C ALA A 747 -26.78 -12.33 -2.53
N LYS A 748 -25.91 -13.16 -1.95
CA LYS A 748 -26.26 -14.52 -1.60
C LYS A 748 -27.46 -14.55 -0.63
N ILE A 749 -27.48 -13.64 0.34
CA ILE A 749 -28.57 -13.54 1.32
C ILE A 749 -29.89 -13.26 0.56
N GLN A 750 -29.85 -12.27 -0.34
CA GLN A 750 -31.01 -11.98 -1.16
C GLN A 750 -31.37 -13.24 -1.97
N GLN A 751 -30.39 -13.84 -2.64
CA GLN A 751 -30.64 -15.05 -3.44
C GLN A 751 -31.25 -16.20 -2.65
N SER A 752 -30.81 -16.39 -1.41
CA SER A 752 -31.32 -17.44 -0.53
C SER A 752 -32.82 -17.31 -0.23
N THR A 753 -33.40 -16.12 -0.40
CA THR A 753 -34.81 -15.91 -0.13
C THR A 753 -35.67 -15.80 -1.38
N VAL A 754 -35.27 -14.91 -2.28
CA VAL A 754 -35.95 -14.66 -3.54
C VAL A 754 -35.30 -15.50 -4.61
N GLY A 755 -35.75 -15.34 -5.84
CA GLY A 755 -35.22 -16.11 -6.95
C GLY A 755 -33.71 -16.20 -7.00
N ASN A 756 -33.21 -16.83 -8.05
CA ASN A 756 -31.76 -17.00 -8.24
C ASN A 756 -31.19 -15.66 -8.62
N THR A 757 -31.40 -15.28 -9.88
CA THR A 757 -30.89 -14.03 -10.39
C THR A 757 -31.72 -12.85 -9.90
N GLY A 758 -32.74 -13.13 -9.12
CA GLY A 758 -33.58 -12.07 -8.60
C GLY A 758 -32.77 -10.86 -8.20
N PHE A 760 -35.62 -8.25 -5.24
CA PHE A 760 -34.99 -7.72 -4.04
C PHE A 760 -35.96 -7.44 -2.90
N LYS A 761 -35.75 -8.09 -1.76
CA LYS A 761 -36.64 -7.93 -0.62
C LYS A 761 -35.98 -7.16 0.53
N ASP A 762 -36.73 -6.19 1.05
CA ASP A 762 -36.24 -5.35 2.11
C ASP A 762 -35.90 -6.00 3.45
N GLU A 763 -36.62 -7.05 3.82
CA GLU A 763 -36.44 -7.68 5.13
C GLU A 763 -35.48 -8.86 5.22
N VAL A 764 -34.97 -9.25 4.07
CA VAL A 764 -34.05 -10.39 3.98
C VAL A 764 -32.85 -10.32 4.93
N LEU A 765 -32.19 -9.17 4.97
CA LEU A 765 -31.00 -9.00 5.79
C LEU A 765 -31.34 -9.10 7.26
N ASN A 766 -32.34 -8.35 7.65
CA ASN A 766 -32.74 -8.40 9.06
C ASN A 766 -33.09 -9.86 9.47
N HIS A 767 -33.82 -10.59 8.61
CA HIS A 767 -34.18 -11.99 8.92
C HIS A 767 -32.92 -12.86 9.10
N TRP A 768 -31.98 -12.70 8.18
CA TRP A 768 -30.72 -13.43 8.21
C TRP A 768 -29.93 -13.21 9.51
N LEU A 769 -29.75 -11.94 9.91
CA LEU A 769 -29.03 -11.66 11.16
C LEU A 769 -29.77 -12.19 12.37
N LYS A 770 -31.08 -12.15 12.35
CA LYS A 770 -31.76 -12.69 13.51
C LYS A 770 -31.64 -14.21 13.54
N GLU A 771 -31.69 -14.88 12.39
CA GLU A 771 -31.58 -16.31 12.46
C GLU A 771 -30.14 -16.73 12.78
N LYS A 772 -29.16 -15.90 12.42
CA LYS A 772 -27.77 -16.27 12.74
C LYS A 772 -27.32 -15.91 14.14
N SER A 773 -28.13 -15.15 14.88
CA SER A 773 -27.75 -14.78 16.25
C SER A 773 -28.08 -15.87 17.31
N PRO A 774 -27.11 -16.20 18.18
CA PRO A 774 -27.38 -17.22 19.19
C PRO A 774 -28.32 -16.79 20.32
N THR A 775 -28.39 -15.49 20.60
CA THR A 775 -29.26 -14.94 21.66
C THR A 775 -29.77 -13.56 21.24
N GLU A 776 -30.78 -13.02 21.91
CA GLU A 776 -31.28 -11.69 21.54
C GLU A 776 -30.22 -10.65 21.85
N GLU A 777 -29.44 -10.91 22.89
CA GLU A 777 -28.37 -10.00 23.28
C GLU A 777 -27.45 -9.92 22.03
N LYS A 778 -26.96 -11.07 21.58
CA LYS A 778 -26.09 -11.06 20.40
C LYS A 778 -26.72 -10.43 19.17
N PHE A 779 -28.02 -10.63 18.99
CA PHE A 779 -28.69 -10.02 17.86
C PHE A 779 -28.73 -8.49 17.98
N GLN A 780 -28.92 -7.97 19.19
CA GLN A 780 -28.98 -6.53 19.31
C GLN A 780 -27.59 -5.97 19.07
N ALA A 781 -26.57 -6.67 19.56
CA ALA A 781 -25.18 -6.21 19.37
C ALA A 781 -24.83 -6.18 17.86
N ALA A 782 -25.27 -7.22 17.14
CA ALA A 782 -25.06 -7.31 15.69
C ALA A 782 -25.71 -6.16 14.93
N VAL A 783 -26.88 -5.72 15.36
CA VAL A 783 -27.55 -4.63 14.64
C VAL A 783 -26.74 -3.35 14.91
N GLU A 784 -26.28 -3.19 16.14
CA GLU A 784 -25.44 -2.06 16.53
C GLU A 784 -24.15 -2.08 15.68
N ARG A 785 -23.48 -3.23 15.67
CA ARG A 785 -22.27 -3.40 14.88
C ARG A 785 -22.53 -3.10 13.41
N PHE A 786 -23.72 -3.47 12.93
CA PHE A 786 -24.09 -3.18 11.54
C PHE A 786 -24.25 -1.68 11.27
N VAL A 787 -24.82 -0.94 12.20
CA VAL A 787 -25.02 0.51 12.03
C VAL A 787 -23.66 1.15 11.92
N TYR A 788 -22.77 0.86 12.86
CA TYR A 788 -21.43 1.40 12.81
C TYR A 788 -20.61 1.01 11.54
N SER A 789 -20.56 -0.27 11.18
CA SER A 789 -19.77 -0.69 10.01
C SER A 789 -20.36 -0.15 8.72
N CYS A 790 -21.69 -0.03 8.68
CA CYS A 790 -22.32 0.51 7.50
C CYS A 790 -21.94 1.98 7.30
N ALA A 791 -21.94 2.74 8.40
CA ALA A 791 -21.55 4.16 8.35
C ALA A 791 -20.07 4.29 7.96
N GLY A 792 -19.20 3.55 8.63
CA GLY A 792 -17.80 3.58 8.27
C GLY A 792 -17.61 3.25 6.79
N TYR A 793 -18.25 2.21 6.23
CA TYR A 793 -18.06 1.97 4.79
C TYR A 793 -18.69 3.01 3.85
N CYS A 794 -19.79 3.63 4.24
CA CYS A 794 -20.38 4.65 3.36
C CYS A 794 -19.49 5.86 3.28
N VAL A 795 -18.89 6.22 4.40
CA VAL A 795 -17.99 7.38 4.40
C VAL A 795 -16.67 7.04 3.69
N ALA A 796 -15.97 5.97 4.12
CA ALA A 796 -14.71 5.59 3.47
C ALA A 796 -14.82 5.46 1.93
N THR A 797 -15.83 4.75 1.50
CA THR A 797 -16.04 4.45 0.08
C THR A 797 -16.43 5.69 -0.74
N PHE A 798 -17.16 6.59 -0.12
CA PHE A 798 -17.53 7.83 -0.80
C PHE A 798 -16.30 8.71 -1.03
N VAL A 799 -15.50 8.87 -0.01
CA VAL A 799 -14.30 9.67 -0.19
C VAL A 799 -13.34 9.11 -1.26
N LEU A 800 -13.17 7.78 -1.26
CA LEU A 800 -12.29 7.12 -2.22
C LEU A 800 -12.94 6.95 -3.58
N GLY A 801 -14.18 7.43 -3.72
CA GLY A 801 -14.88 7.33 -5.00
C GLY A 801 -15.15 5.95 -5.48
N ILE A 802 -15.42 5.03 -4.56
CA ILE A 802 -15.73 3.64 -4.95
C ILE A 802 -16.97 3.19 -4.23
N GLY A 803 -17.86 4.14 -3.99
CA GLY A 803 -19.09 3.78 -3.29
C GLY A 803 -20.19 3.01 -4.03
N ASP A 804 -20.27 3.22 -5.34
CA ASP A 804 -21.29 2.61 -6.22
C ASP A 804 -20.96 1.15 -6.54
N ARG A 805 -21.39 0.27 -5.66
CA ARG A 805 -21.08 -1.14 -5.85
C ARG A 805 -22.28 -2.04 -5.99
N HIS A 806 -22.04 -3.13 -6.69
CA HIS A 806 -22.99 -4.19 -6.90
C HIS A 806 -22.90 -4.95 -5.59
N ASN A 807 -24.08 -5.40 -5.16
CA ASN A 807 -24.36 -6.21 -3.96
C ASN A 807 -23.46 -7.40 -3.68
N ASP A 808 -22.96 -8.00 -4.75
CA ASP A 808 -22.15 -9.21 -4.66
C ASP A 808 -20.71 -8.91 -4.19
N ASN A 809 -20.41 -7.60 -4.17
CA ASN A 809 -19.11 -7.08 -3.79
C ASN A 809 -19.13 -6.46 -2.39
N ILE A 810 -20.14 -6.88 -1.62
CA ILE A 810 -20.31 -6.41 -0.25
C ILE A 810 -20.71 -7.60 0.60
N MET A 811 -20.02 -7.80 1.71
CA MET A 811 -20.32 -8.90 2.58
C MET A 811 -20.74 -8.46 3.96
N ILE A 812 -21.23 -9.40 4.76
CA ILE A 812 -21.61 -9.10 6.12
C ILE A 812 -21.26 -10.31 6.97
N THR A 813 -20.82 -10.11 8.19
CA THR A 813 -20.50 -11.23 9.03
C THR A 813 -21.75 -11.60 9.79
N GLU A 814 -21.77 -12.79 10.35
CA GLU A 814 -22.94 -13.24 11.08
C GLU A 814 -23.00 -12.39 12.30
N THR A 815 -21.91 -11.74 12.67
CA THR A 815 -21.94 -10.90 13.84
C THR A 815 -22.34 -9.46 13.52
N GLY A 816 -22.85 -9.23 12.32
CA GLY A 816 -23.33 -7.92 11.93
C GLY A 816 -22.33 -7.02 11.26
N ASN A 817 -21.06 -7.42 11.13
CA ASN A 817 -20.08 -6.53 10.52
C ASN A 817 -20.13 -6.42 9.00
N LEU A 818 -20.61 -5.30 8.50
CA LEU A 818 -20.62 -5.14 7.06
C LEU A 818 -19.20 -4.79 6.54
N PHE A 819 -18.89 -5.12 5.28
CA PHE A 819 -17.60 -4.80 4.68
C PHE A 819 -17.54 -5.06 3.16
N HIS A 820 -16.89 -4.16 2.42
CA HIS A 820 -16.76 -4.25 0.96
C HIS A 820 -15.60 -5.16 0.60
N ILE A 821 -15.64 -5.73 -0.59
CA ILE A 821 -14.52 -6.62 -1.01
C ILE A 821 -14.31 -6.38 -2.46
N ASP A 822 -13.42 -7.15 -3.06
CA ASP A 822 -13.11 -7.06 -4.49
C ASP A 822 -12.93 -5.67 -5.08
N PHE A 823 -11.92 -4.93 -4.60
CA PHE A 823 -11.68 -3.58 -5.15
C PHE A 823 -11.00 -3.59 -6.50
N GLY A 824 -10.66 -4.78 -7.02
CA GLY A 824 -10.06 -4.95 -8.34
C GLY A 824 -10.05 -3.75 -9.29
N HIS A 825 -11.21 -3.10 -9.46
CA HIS A 825 -11.33 -1.86 -10.25
C HIS A 825 -12.76 -1.33 -10.32
N GLU A 839 -27.63 5.84 -14.24
CA GLU A 839 -27.80 6.33 -12.88
C GLU A 839 -26.70 5.86 -11.93
N ARG A 840 -26.44 6.69 -10.91
CA ARG A 840 -25.41 6.42 -9.91
C ARG A 840 -25.82 6.71 -8.45
N VAL A 841 -25.03 6.23 -7.51
CA VAL A 841 -25.31 6.46 -6.10
C VAL A 841 -23.95 6.75 -5.41
N PRO A 842 -23.92 7.61 -4.37
CA PRO A 842 -22.68 7.94 -3.67
C PRO A 842 -22.07 6.76 -2.92
N PHE A 843 -22.95 5.89 -2.45
CA PHE A 843 -22.52 4.69 -1.72
C PHE A 843 -23.72 3.75 -1.65
N VAL A 844 -23.57 2.62 -0.98
CA VAL A 844 -24.60 1.62 -0.92
C VAL A 844 -25.26 1.66 0.43
N LEU A 845 -26.53 2.04 0.41
CA LEU A 845 -27.33 2.12 1.64
C LEU A 845 -28.75 1.84 1.09
N THR A 846 -28.97 0.56 0.81
CA THR A 846 -30.21 0.06 0.24
C THR A 846 -31.29 -0.28 1.26
N PRO A 847 -32.56 -0.39 0.78
CA PRO A 847 -33.74 -0.71 1.58
C PRO A 847 -33.49 -1.78 2.65
N ASP A 848 -32.73 -2.80 2.28
CA ASP A 848 -32.44 -3.84 3.23
C ASP A 848 -31.57 -3.36 4.35
N PHE A 849 -30.59 -2.51 4.03
CA PHE A 849 -29.72 -1.98 5.11
C PHE A 849 -30.63 -1.11 5.99
N LEU A 850 -31.50 -0.31 5.39
CA LEU A 850 -32.38 0.52 6.19
C LEU A 850 -33.30 -0.27 7.12
N PHE A 851 -33.82 -1.37 6.59
CA PHE A 851 -34.75 -2.22 7.35
C PHE A 851 -34.05 -2.70 8.62
N VAL A 852 -32.76 -3.00 8.54
CA VAL A 852 -32.02 -3.43 9.73
C VAL A 852 -31.93 -2.27 10.78
N MET A 853 -31.96 -1.04 10.29
CA MET A 853 -31.86 0.11 11.14
C MET A 853 -33.25 0.51 11.66
N GLY A 854 -34.26 -0.29 11.30
CA GLY A 854 -35.62 -0.03 11.72
C GLY A 854 -36.41 1.01 10.91
N THR A 855 -35.87 1.46 9.77
CA THR A 855 -36.58 2.46 8.96
C THR A 855 -37.01 1.90 7.59
N SER A 856 -37.87 2.63 6.89
CA SER A 856 -38.32 2.21 5.58
C SER A 856 -39.11 3.34 4.96
N GLY A 857 -38.91 3.54 3.66
CA GLY A 857 -39.61 4.58 2.95
C GLY A 857 -39.33 5.99 3.46
N LYS A 858 -38.05 6.35 3.51
CA LYS A 858 -37.60 7.65 3.98
C LYS A 858 -38.33 8.18 5.24
N LYS A 859 -38.23 7.41 6.33
CA LYS A 859 -38.85 7.74 7.62
C LYS A 859 -37.80 8.13 8.67
N THR A 860 -37.72 7.38 9.76
CA THR A 860 -36.75 7.70 10.80
C THR A 860 -36.68 6.60 11.80
N SER A 861 -35.75 6.70 12.74
CA SER A 861 -35.61 5.67 13.75
C SER A 861 -34.38 5.97 14.57
N PRO A 862 -34.33 5.45 15.80
CA PRO A 862 -33.14 5.72 16.63
C PRO A 862 -31.83 5.24 15.96
N HIS A 863 -31.85 4.04 15.36
CA HIS A 863 -30.66 3.51 14.66
C HIS A 863 -30.33 4.33 13.40
N PHE A 864 -31.35 4.73 12.65
CA PHE A 864 -31.07 5.50 11.45
C PHE A 864 -30.42 6.82 11.85
N GLN A 865 -31.01 7.46 12.85
CA GLN A 865 -30.48 8.70 13.38
C GLN A 865 -29.07 8.46 13.97
N LYS A 866 -28.87 7.33 14.63
CA LYS A 866 -27.57 7.00 15.19
C LYS A 866 -26.57 6.80 14.02
N PHE A 867 -27.10 6.35 12.89
CA PHE A 867 -26.37 6.12 11.63
C PHE A 867 -25.94 7.48 11.07
N GLN A 868 -26.90 8.38 10.91
CA GLN A 868 -26.59 9.71 10.36
C GLN A 868 -25.61 10.50 11.19
N ASP A 869 -25.62 10.29 12.50
CA ASP A 869 -24.73 11.00 13.42
C ASP A 869 -23.29 10.44 13.30
N ILE A 870 -23.17 9.12 13.24
CA ILE A 870 -21.89 8.47 13.08
C ILE A 870 -21.25 8.92 11.75
N CYS A 871 -22.02 8.91 10.66
CA CYS A 871 -21.53 9.33 9.35
C CYS A 871 -20.96 10.76 9.29
N VAL A 872 -21.70 11.70 9.89
CA VAL A 872 -21.29 13.09 9.87
C VAL A 872 -20.01 13.24 10.66
N LYS A 873 -19.98 12.66 11.84
CA LYS A 873 -18.81 12.75 12.67
C LYS A 873 -17.60 12.11 12.00
N ALA A 874 -17.83 10.99 11.31
CA ALA A 874 -16.74 10.27 10.62
C ALA A 874 -16.28 11.11 9.46
N TYR A 875 -17.25 11.70 8.79
CA TYR A 875 -16.93 12.51 7.62
C TYR A 875 -16.10 13.74 8.00
N LEU A 876 -16.50 14.48 9.01
CA LEU A 876 -15.67 15.64 9.28
C LEU A 876 -14.35 15.29 9.96
N ALA A 877 -14.28 14.16 10.65
CA ALA A 877 -13.00 13.75 11.20
C ALA A 877 -12.06 13.45 9.99
N LEU A 878 -12.58 13.05 8.81
CA LEU A 878 -11.67 12.81 7.68
C LEU A 878 -11.30 14.15 7.02
N ARG A 879 -12.24 15.09 7.00
CA ARG A 879 -11.92 16.40 6.44
C ARG A 879 -10.78 17.08 7.23
N HIS A 880 -10.61 16.75 8.50
CA HIS A 880 -9.52 17.33 9.29
C HIS A 880 -8.16 16.77 8.84
N HIS A 881 -8.17 15.84 7.90
CA HIS A 881 -6.91 15.25 7.45
C HIS A 881 -6.95 15.27 5.96
N THR A 882 -7.67 16.28 5.47
CA THR A 882 -7.84 16.50 4.06
C THR A 882 -6.61 16.36 3.17
N ASN A 883 -5.49 16.94 3.60
CA ASN A 883 -4.28 16.84 2.78
C ASN A 883 -3.69 15.45 2.78
N LEU A 884 -3.65 14.78 3.93
CA LEU A 884 -3.09 13.44 3.98
C LEU A 884 -3.82 12.53 2.96
N LEU A 885 -5.14 12.58 3.02
CA LEU A 885 -6.05 11.79 2.21
C LEU A 885 -5.91 12.10 0.74
N ILE A 886 -5.79 13.38 0.41
CA ILE A 886 -5.61 13.76 -0.97
C ILE A 886 -4.31 13.22 -1.51
N ILE A 887 -3.28 13.25 -0.70
CA ILE A 887 -2.00 12.80 -1.20
C ILE A 887 -1.97 11.26 -1.27
N LEU A 888 -2.59 10.58 -0.31
CA LEU A 888 -2.64 9.12 -0.39
C LEU A 888 -3.48 8.72 -1.62
N PHE A 889 -4.56 9.46 -1.89
CA PHE A 889 -5.41 9.14 -3.04
C PHE A 889 -4.61 9.33 -4.33
N SER A 890 -3.84 10.41 -4.45
CA SER A 890 -3.13 10.58 -5.70
C SER A 890 -1.98 9.60 -5.89
N MET A 891 -1.34 9.20 -4.80
CA MET A 891 -0.25 8.23 -4.92
C MET A 891 -0.83 6.90 -5.33
N MET A 892 -1.96 6.59 -4.74
CA MET A 892 -2.63 5.37 -5.09
C MET A 892 -3.03 5.34 -6.58
N LEU A 893 -3.55 6.42 -7.12
CA LEU A 893 -3.91 6.32 -8.53
C LEU A 893 -2.67 6.15 -9.38
N MET A 894 -1.65 6.93 -9.08
CA MET A 894 -0.43 6.90 -9.83
C MET A 894 0.38 5.63 -9.75
N THR A 895 0.38 4.94 -8.61
CA THR A 895 1.17 3.73 -8.46
C THR A 895 0.34 2.46 -8.55
N GLY A 896 -0.99 2.57 -8.56
CA GLY A 896 -1.79 1.38 -8.67
C GLY A 896 -2.67 1.28 -9.91
N MET A 897 -3.14 2.39 -10.46
CA MET A 897 -4.00 2.28 -11.65
C MET A 897 -3.24 2.39 -12.97
N PRO A 898 -3.98 2.31 -14.10
CA PRO A 898 -3.30 2.43 -15.41
C PRO A 898 -2.90 3.89 -15.68
N GLN A 899 -3.43 4.47 -16.76
CA GLN A 899 -3.14 5.86 -17.14
C GLN A 899 -4.14 6.81 -16.47
N LEU A 900 -3.87 7.23 -15.24
CA LEU A 900 -4.78 8.11 -14.52
C LEU A 900 -4.66 9.60 -14.92
N THR A 901 -5.80 10.20 -15.22
CA THR A 901 -5.85 11.60 -15.61
C THR A 901 -5.27 12.46 -14.51
N SER A 902 -4.08 12.99 -14.77
CA SER A 902 -3.38 13.87 -13.81
C SER A 902 -4.23 15.11 -13.61
N LYS A 903 -5.54 14.89 -13.53
CA LYS A 903 -6.45 15.96 -13.31
C LYS A 903 -7.76 15.48 -12.76
N GLU A 904 -8.76 15.35 -13.62
CA GLU A 904 -10.09 14.94 -13.19
C GLU A 904 -10.18 13.77 -12.21
N ASP A 905 -9.49 12.67 -12.52
CA ASP A 905 -9.52 11.53 -11.61
C ASP A 905 -9.01 11.91 -10.23
N ILE A 906 -7.81 12.47 -10.17
CA ILE A 906 -7.26 12.84 -8.87
C ILE A 906 -8.08 13.94 -8.20
N GLU A 907 -8.84 14.67 -9.00
CA GLU A 907 -9.65 15.76 -8.47
C GLU A 907 -10.89 15.36 -7.69
N TYR A 908 -11.40 14.15 -7.93
CA TYR A 908 -12.59 13.62 -7.25
C TYR A 908 -12.50 13.79 -5.73
N ILE A 909 -11.40 13.32 -5.14
CA ILE A 909 -11.28 13.40 -3.70
C ILE A 909 -11.44 14.81 -3.14
N ARG A 910 -11.04 15.82 -3.90
CA ARG A 910 -11.18 17.21 -3.47
C ARG A 910 -12.66 17.52 -3.32
N ASP A 911 -13.46 17.21 -4.35
CA ASP A 911 -14.91 17.45 -4.27
C ASP A 911 -15.54 16.55 -3.18
N ALA A 912 -15.13 15.27 -3.11
CA ALA A 912 -15.69 14.37 -2.11
C ALA A 912 -15.41 14.87 -0.72
N LEU A 913 -14.21 15.43 -0.51
CA LEU A 913 -13.86 15.96 0.82
C LEU A 913 -14.43 17.35 1.00
N THR A 914 -15.20 17.75 -0.01
CA THR A 914 -15.85 19.02 -0.02
C THR A 914 -14.87 20.16 0.45
N VAL A 915 -13.69 20.16 -0.15
CA VAL A 915 -12.66 21.13 0.16
C VAL A 915 -13.19 22.55 0.02
N GLY A 916 -12.89 23.38 1.00
CA GLY A 916 -13.37 24.74 0.90
C GLY A 916 -14.47 25.03 1.89
N LYS A 917 -15.56 24.29 1.79
CA LYS A 917 -16.72 24.47 2.66
C LYS A 917 -16.42 24.43 4.16
N ASN A 918 -17.30 25.00 4.98
CA ASN A 918 -17.10 25.00 6.42
C ASN A 918 -17.73 23.72 6.94
N GLU A 919 -17.54 23.44 8.22
CA GLU A 919 -18.11 22.22 8.77
C GLU A 919 -19.61 22.09 8.59
N GLU A 920 -20.37 23.15 8.81
CA GLU A 920 -21.82 23.06 8.68
C GLU A 920 -22.28 22.65 7.29
N ASP A 921 -21.65 23.20 6.26
CA ASP A 921 -22.00 22.85 4.88
C ASP A 921 -21.52 21.43 4.55
N ALA A 922 -20.49 20.99 5.27
CA ALA A 922 -19.94 19.66 5.08
C ALA A 922 -21.00 18.67 5.59
N LYS A 923 -21.41 18.82 6.85
CA LYS A 923 -22.41 17.95 7.44
C LYS A 923 -23.63 17.93 6.54
N LYS A 924 -24.13 19.10 6.18
CA LYS A 924 -25.28 19.21 5.30
C LYS A 924 -25.10 18.38 4.03
N TYR A 925 -23.94 18.52 3.43
CA TYR A 925 -23.60 17.82 2.20
C TYR A 925 -23.66 16.31 2.30
N PHE A 926 -23.13 15.74 3.38
CA PHE A 926 -23.14 14.30 3.55
C PHE A 926 -24.55 13.79 3.80
N LEU A 927 -25.31 14.48 4.65
CA LEU A 927 -26.69 14.07 4.93
C LEU A 927 -27.51 13.95 3.63
N ASP A 928 -27.30 14.87 2.70
CA ASP A 928 -27.98 14.85 1.42
C ASP A 928 -27.54 13.62 0.60
N GLN A 929 -26.25 13.26 0.67
CA GLN A 929 -25.76 12.09 -0.04
C GLN A 929 -26.58 10.89 0.48
N ILE A 930 -26.86 10.89 1.78
CA ILE A 930 -27.63 9.83 2.41
C ILE A 930 -29.09 9.84 1.86
N GLU A 931 -29.58 11.02 1.51
CA GLU A 931 -30.92 11.16 0.97
C GLU A 931 -30.97 10.61 -0.45
N VAL A 932 -29.96 10.92 -1.26
CA VAL A 932 -29.95 10.43 -2.62
C VAL A 932 -30.07 8.89 -2.65
N CYS A 933 -29.34 8.21 -1.76
CA CYS A 933 -29.42 6.75 -1.66
C CYS A 933 -30.85 6.35 -1.30
N ARG A 934 -31.49 7.13 -0.42
CA ARG A 934 -32.85 6.86 0.00
C ARG A 934 -33.81 6.94 -1.20
N ASP A 935 -33.64 7.97 -2.02
CA ASP A 935 -34.43 8.18 -3.21
C ASP A 935 -34.23 7.11 -4.28
N LYS A 936 -33.03 6.56 -4.39
CA LYS A 936 -32.78 5.54 -5.42
C LYS A 936 -33.29 4.15 -5.07
N GLY A 937 -33.46 3.88 -3.79
CA GLY A 937 -33.90 2.55 -3.39
C GLY A 937 -33.05 1.42 -3.96
N TRP A 938 -33.68 0.55 -4.75
CA TRP A 938 -33.03 -0.58 -5.38
C TRP A 938 -32.65 -0.35 -6.82
N THR A 939 -32.94 0.83 -7.34
CA THR A 939 -32.67 1.16 -8.74
C THR A 939 -31.27 0.75 -9.19
N VAL A 940 -30.28 1.41 -8.59
CA VAL A 940 -28.90 1.14 -8.95
C VAL A 940 -28.54 -0.34 -8.78
N GLN A 941 -28.89 -0.93 -7.64
CA GLN A 941 -28.58 -2.35 -7.47
C GLN A 941 -29.07 -3.18 -8.63
N PHE A 942 -30.34 -3.04 -8.95
CA PHE A 942 -30.92 -3.80 -10.05
C PHE A 942 -30.20 -3.52 -11.36
N ASN A 943 -29.79 -2.28 -11.57
CA ASN A 943 -29.07 -1.97 -12.80
C ASN A 943 -27.71 -2.63 -12.83
N TRP A 944 -27.10 -2.86 -11.69
CA TRP A 944 -25.78 -3.44 -11.76
C TRP A 944 -25.67 -4.77 -12.54
N PHE A 945 -25.53 -4.61 -13.86
CA PHE A 945 -25.40 -5.69 -14.87
C PHE A 945 -24.67 -5.06 -16.04
N LEU A 946 -24.91 -3.76 -16.16
CA LEU A 946 -24.37 -2.89 -17.20
C LEU A 946 -22.94 -2.38 -16.93
N HIS A 947 -22.83 -1.08 -16.66
CA HIS A 947 -21.53 -0.46 -16.36
C HIS A 947 -21.64 0.86 -15.57
N LEU A 948 -20.46 1.47 -15.34
CA LEU A 948 -20.31 2.73 -14.61
C LEU A 948 -19.08 3.49 -15.12
N VAL A 949 -19.26 4.77 -15.38
CA VAL A 949 -18.17 5.60 -15.87
C VAL A 949 -18.30 7.07 -15.47
N LEU A 950 -17.59 7.92 -16.20
CA LEU A 950 -17.56 9.37 -15.99
C LEU A 950 -17.01 9.70 -14.59
#